data_9GZ2
#
_entry.id   9GZ2
#
loop_
_entity.id
_entity.type
_entity.pdbx_description
1 polymer Myosin-7
2 non-polymer 'MAGNESIUM ION'
3 non-polymer "ADENOSINE-5'-DIPHOSPHATE"
4 non-polymer 'PHOSPHATE ION'
5 non-polymer Mavacamten
#
_entity_poly.entity_id   1
_entity_poly.type   'polypeptide(L)'
_entity_poly.pdbx_seq_one_letter_code
;GDSEMAVFGAAAPYLRKSEKERLEAQTRPFDLKKDVFVPDDKQEFVKAKIVSREGGKVTAETEYGKTVTVKEDQVMQQNP
PKFDKIEDMAMLTFLHEPAVLYNLKDRYGSWMIYTYSGLFCVTVNPYKWLPVYTPEVVAAYRGKKRSEAPPHIFSISDNA
YQYMLTDRENQSILITGESGAGKTVNTKRVIQYFAVIAAIGDRSKKDQSPGKGTLEDQIIQANPALEAFGNAKTVRNDNS
SRFGKFIRIHFGATGKLASADIETYLLEKSRVIFQLKAERDYHIFYQILSNKKPELLDMLLITNNPYDYAFISQGETTVA
SIDDAEELMATDNAFDVLGFTSEEKNSMYKLTGAIMHFGNMKFKLKQREEQAEPDGTEEADKSAYLMGLNSADLLKGLCH
PRVKVGNEYVTKGQNVQQVIYATGALAKAVYERMFNWMVTRINATLETKQPRQYFIGVLDIAGFEIFDFNSFEQLCINFT
NEKLQQFFNHHMFVLEQEEYKKEGIEWTFIDFGMDLQACIDLIEKPMGIMSILEEECMFPKATDMTFKAKLFDNHLGKSA
NFQKPRNIKGKPEAHFSLIHYAGIVDYNIIGWLQKNKDPLNETVVGLYQKSSLKLLSTLFANYAGADAPIEKGKGKAKKG
SSFQTVSALHRENLNKLMTNLRSTHPHFVRCIIPNETKSPGVMDNPLVMHQLRCNGVLEGIRICRKGFPNRILYGDFRQR
YRILNPAAIPEGQFIDSRKGAEKLLSSLDIDHNQYKFGHTKVFFKAGLLGLLEEMRDERLSRIITRIQAQSRGVLARMEY
KKLLERRDSLLVIQWNIRAFMGVKNWPWMKLYFKIKPLLKSAEREKEMASMKEEFTRLKEALEKSEARRKELEEKMVSLL
QEKNDLQLQVQAEQDNLADAEERCDQLIKNKIQLEAKVKEMNERLEDEEEMNAELTAKKRKLEDECSELKRDIDDLELTL
AKVEKEKHATENKVKNLTEEMAGLDEIIAKLTKEKKALQEAHQQALDDLQAEEDKVNTLTKAKVKLEQQVDDLEGSLEQE
KKVRMDLERAKRKLEGDLKLTQESIMDLENDKQQLDERLKKKDFELNALNARIEDEQALGSQLQKKLKELQARIEELEEE
LESERTARAKVEKLRSDDYKDDDDK
;
_entity_poly.pdbx_strand_id   A
#
loop_
_chem_comp.id
_chem_comp.type
_chem_comp.name
_chem_comp.formula
ADP non-polymer ADENOSINE-5'-DIPHOSPHATE 'C10 H15 N5 O10 P2'
MG non-polymer 'MAGNESIUM ION' 'Mg 2'
PO4 non-polymer 'PHOSPHATE ION' 'O4 P -3'
XB2 non-polymer Mavacamten 'C15 H19 N3 O2'
#
# COMPACT_ATOMS: atom_id res chain seq x y z
N ASP A 2 14.46 -2.58 -29.46
CA ASP A 2 14.90 -1.19 -29.46
C ASP A 2 16.41 -1.09 -29.30
N SER A 3 17.05 -0.38 -30.23
CA SER A 3 18.48 -0.13 -30.13
C SER A 3 18.86 0.84 -29.02
N GLU A 4 17.91 1.65 -28.53
CA GLU A 4 18.19 2.60 -27.45
C GLU A 4 18.38 1.95 -26.09
N MET A 5 18.06 0.65 -25.96
CA MET A 5 18.16 -0.09 -24.69
C MET A 5 19.57 -0.14 -24.09
N ALA A 6 20.61 0.17 -24.87
CA ALA A 6 21.97 0.30 -24.36
C ALA A 6 22.14 1.34 -23.25
N VAL A 7 21.27 2.34 -23.15
CA VAL A 7 21.36 3.29 -22.04
C VAL A 7 20.95 2.66 -20.70
N PHE A 8 20.21 1.55 -20.71
CA PHE A 8 19.85 0.86 -19.48
C PHE A 8 20.90 -0.14 -19.02
N GLY A 9 21.98 -0.32 -19.79
CA GLY A 9 23.09 -1.18 -19.38
C GLY A 9 22.73 -2.64 -19.15
N ALA A 10 23.21 -3.18 -18.03
CA ALA A 10 22.96 -4.56 -17.65
C ALA A 10 21.51 -4.84 -17.28
N ALA A 11 20.71 -3.81 -17.01
CA ALA A 11 19.31 -4.02 -16.69
C ALA A 11 18.47 -4.38 -17.90
N ALA A 12 18.96 -4.04 -19.10
CA ALA A 12 18.16 -4.12 -20.34
C ALA A 12 17.48 -5.46 -20.62
N PRO A 13 18.09 -6.65 -20.45
CA PRO A 13 17.32 -7.90 -20.66
C PRO A 13 16.09 -8.05 -19.77
N TYR A 14 16.08 -7.42 -18.60
CA TYR A 14 14.97 -7.49 -17.67
C TYR A 14 13.99 -6.34 -17.85
N LEU A 15 14.18 -5.49 -18.85
CA LEU A 15 13.22 -4.42 -19.12
C LEU A 15 12.57 -4.54 -20.49
N ARG A 16 13.33 -4.84 -21.54
CA ARG A 16 12.76 -5.13 -22.84
C ARG A 16 13.38 -6.40 -23.40
N LYS A 17 12.56 -7.18 -24.10
CA LYS A 17 13.08 -8.21 -24.99
C LYS A 17 13.96 -7.59 -26.08
N SER A 18 15.00 -8.31 -26.47
CA SER A 18 15.89 -7.83 -27.51
C SER A 18 15.24 -8.00 -28.87
N GLU A 19 15.80 -7.28 -29.86
CA GLU A 19 15.42 -7.45 -31.26
C GLU A 19 15.65 -8.86 -31.77
N LYS A 20 16.63 -9.58 -31.20
CA LYS A 20 16.82 -10.99 -31.52
C LYS A 20 15.60 -11.82 -31.10
N GLU A 21 15.02 -11.50 -29.94
CA GLU A 21 13.81 -12.16 -29.47
C GLU A 21 12.55 -11.66 -30.17
N ARG A 22 12.53 -10.38 -30.56
CA ARG A 22 11.41 -9.83 -31.31
C ARG A 22 11.20 -10.52 -32.65
N LEU A 23 12.28 -10.83 -33.36
CA LEU A 23 12.14 -11.52 -34.64
C LEU A 23 11.66 -12.97 -34.49
N GLU A 24 11.98 -13.62 -33.38
CA GLU A 24 11.38 -14.92 -33.08
C GLU A 24 9.88 -14.81 -32.82
N ALA A 25 9.44 -13.79 -32.08
CA ALA A 25 8.01 -13.58 -31.82
C ALA A 25 7.18 -13.40 -33.09
N GLN A 26 7.60 -12.51 -34.00
CA GLN A 26 6.90 -12.33 -35.27
C GLN A 26 6.98 -13.52 -36.22
N THR A 27 7.76 -14.55 -35.93
CA THR A 27 7.90 -15.68 -36.84
C THR A 27 7.26 -16.95 -36.27
N ARG A 28 6.45 -16.81 -35.21
CA ARG A 28 5.70 -17.93 -34.67
C ARG A 28 4.62 -18.41 -35.66
N PRO A 29 4.34 -19.71 -35.68
CA PRO A 29 3.19 -20.21 -36.45
C PRO A 29 1.88 -19.88 -35.74
N PHE A 30 1.00 -19.17 -36.45
CA PHE A 30 -0.20 -18.62 -35.83
C PHE A 30 -1.27 -18.48 -36.89
N ASP A 31 -2.48 -18.95 -36.58
CA ASP A 31 -3.67 -18.68 -37.37
C ASP A 31 -4.68 -17.94 -36.51
N LEU A 32 -5.04 -16.72 -36.93
CA LEU A 32 -5.93 -15.85 -36.17
C LEU A 32 -7.33 -16.45 -35.98
N LYS A 33 -7.77 -17.29 -36.93
CA LYS A 33 -9.06 -17.96 -36.77
C LYS A 33 -8.98 -19.11 -35.76
N LYS A 34 -7.81 -19.73 -35.59
CA LYS A 34 -7.73 -20.96 -34.82
C LYS A 34 -7.23 -20.77 -33.39
N ASP A 35 -6.25 -19.91 -33.16
CA ASP A 35 -5.65 -19.80 -31.83
C ASP A 35 -6.54 -18.98 -30.90
N VAL A 36 -6.93 -19.60 -29.77
CA VAL A 36 -7.94 -19.08 -28.85
C VAL A 36 -7.54 -19.43 -27.42
N PHE A 37 -8.15 -18.71 -26.48
CA PHE A 37 -8.14 -19.08 -25.06
C PHE A 37 -9.41 -19.82 -24.69
N VAL A 38 -9.27 -20.88 -23.90
CA VAL A 38 -10.42 -21.66 -23.46
C VAL A 38 -10.27 -21.82 -21.94
N PRO A 39 -11.34 -21.79 -21.17
CA PRO A 39 -11.20 -21.90 -19.71
C PRO A 39 -10.83 -23.31 -19.27
N ASP A 40 -10.15 -23.38 -18.12
CA ASP A 40 -9.87 -24.66 -17.48
C ASP A 40 -9.98 -24.50 -15.97
N ASP A 41 -10.08 -25.63 -15.28
CA ASP A 41 -10.34 -25.66 -13.84
C ASP A 41 -9.09 -25.34 -13.01
N LYS A 42 -8.03 -26.15 -13.17
CA LYS A 42 -6.87 -26.06 -12.28
C LYS A 42 -6.05 -24.79 -12.51
N GLN A 43 -6.10 -24.27 -13.72
CA GLN A 43 -5.49 -23.00 -14.08
C GLN A 43 -6.48 -22.33 -15.02
N GLU A 44 -6.76 -21.05 -14.76
CA GLU A 44 -8.05 -20.43 -15.13
C GLU A 44 -8.31 -20.48 -16.63
N PHE A 45 -7.29 -20.19 -17.44
CA PHE A 45 -7.42 -20.22 -18.88
C PHE A 45 -6.18 -20.88 -19.47
N VAL A 46 -6.37 -21.59 -20.58
CA VAL A 46 -5.27 -22.18 -21.32
C VAL A 46 -5.44 -21.83 -22.79
N LYS A 47 -4.32 -21.51 -23.43
CA LYS A 47 -4.28 -21.36 -24.88
C LYS A 47 -4.77 -22.62 -25.58
N ALA A 48 -5.46 -22.45 -26.71
CA ALA A 48 -6.04 -23.59 -27.40
C ALA A 48 -6.19 -23.28 -28.88
N LYS A 49 -6.39 -24.34 -29.65
CA LYS A 49 -6.59 -24.26 -31.10
C LYS A 49 -7.89 -24.94 -31.46
N ILE A 50 -8.78 -24.20 -32.14
CA ILE A 50 -10.05 -24.75 -32.60
C ILE A 50 -9.79 -25.86 -33.61
N VAL A 51 -10.50 -26.97 -33.46
CA VAL A 51 -10.40 -28.09 -34.40
C VAL A 51 -11.70 -28.34 -35.16
N SER A 52 -12.85 -27.91 -34.65
CA SER A 52 -14.12 -28.04 -35.36
C SER A 52 -15.10 -27.04 -34.78
N ARG A 53 -16.20 -26.85 -35.51
CA ARG A 53 -17.25 -25.92 -35.14
C ARG A 53 -18.60 -26.62 -35.26
N GLU A 54 -19.48 -26.36 -34.30
CA GLU A 54 -20.86 -26.85 -34.33
C GLU A 54 -21.81 -25.71 -34.00
N GLY A 55 -21.76 -24.68 -34.84
CA GLY A 55 -22.50 -23.44 -34.62
C GLY A 55 -22.09 -22.69 -33.37
N GLY A 56 -23.01 -22.61 -32.41
CA GLY A 56 -22.74 -21.98 -31.13
C GLY A 56 -21.90 -22.80 -30.18
N LYS A 57 -21.57 -24.03 -30.52
CA LYS A 57 -20.61 -24.82 -29.76
C LYS A 57 -19.27 -24.88 -30.47
N VAL A 58 -18.18 -24.78 -29.70
CA VAL A 58 -16.82 -24.83 -30.21
C VAL A 58 -16.08 -25.97 -29.51
N THR A 59 -15.21 -26.68 -30.23
CA THR A 59 -14.38 -27.71 -29.63
C THR A 59 -12.92 -27.48 -30.00
N ALA A 60 -12.01 -27.68 -29.05
CA ALA A 60 -10.64 -27.20 -29.21
C ALA A 60 -9.65 -28.13 -28.53
N GLU A 61 -8.42 -28.09 -29.00
CA GLU A 61 -7.30 -28.84 -28.43
C GLU A 61 -6.40 -27.87 -27.67
N THR A 62 -6.15 -28.15 -26.40
CA THR A 62 -5.41 -27.24 -25.55
C THR A 62 -3.90 -27.42 -25.74
N GLU A 63 -3.16 -26.44 -25.21
CA GLU A 63 -1.71 -26.49 -25.07
C GLU A 63 -1.19 -27.75 -24.37
N TYR A 64 -2.01 -28.41 -23.56
CA TYR A 64 -1.62 -29.63 -22.87
C TYR A 64 -2.25 -30.87 -23.48
N GLY A 65 -2.80 -30.73 -24.69
CA GLY A 65 -3.29 -31.83 -25.49
C GLY A 65 -4.60 -32.43 -25.07
N LYS A 66 -5.34 -31.78 -24.18
CA LYS A 66 -6.69 -32.19 -23.85
C LYS A 66 -7.66 -31.71 -24.92
N THR A 67 -8.68 -32.52 -25.20
CA THR A 67 -9.86 -32.04 -25.90
C THR A 67 -10.87 -31.41 -24.94
N VAL A 68 -11.54 -30.36 -25.42
CA VAL A 68 -12.44 -29.50 -24.66
C VAL A 68 -13.60 -29.17 -25.60
N THR A 69 -14.80 -28.95 -25.04
CA THR A 69 -15.92 -28.37 -25.77
C THR A 69 -16.50 -27.23 -24.96
N VAL A 70 -16.70 -26.07 -25.61
CA VAL A 70 -17.07 -24.82 -24.92
C VAL A 70 -17.99 -24.05 -25.88
N LYS A 71 -18.90 -23.27 -25.29
CA LYS A 71 -19.83 -22.41 -26.02
C LYS A 71 -19.14 -21.16 -26.57
N GLU A 72 -19.69 -20.66 -27.69
CA GLU A 72 -19.06 -19.62 -28.48
C GLU A 72 -18.93 -18.28 -27.74
N ASP A 73 -19.79 -18.02 -26.76
CA ASP A 73 -19.65 -16.83 -25.92
C ASP A 73 -18.45 -16.89 -24.96
N GLN A 74 -17.87 -18.06 -24.76
CA GLN A 74 -16.93 -18.33 -23.69
C GLN A 74 -15.52 -18.65 -24.20
N VAL A 75 -15.33 -18.68 -25.52
CA VAL A 75 -14.02 -18.91 -26.11
C VAL A 75 -13.55 -17.62 -26.80
N MET A 76 -12.33 -17.22 -26.48
CA MET A 76 -11.82 -15.87 -26.71
C MET A 76 -10.56 -15.94 -27.56
N GLN A 77 -10.51 -15.14 -28.63
CA GLN A 77 -9.39 -15.16 -29.56
C GLN A 77 -8.10 -14.68 -28.90
N GLN A 78 -7.01 -15.37 -29.23
CA GLN A 78 -5.67 -14.90 -28.86
C GLN A 78 -5.28 -13.67 -29.66
N ASN A 79 -4.42 -12.86 -29.06
CA ASN A 79 -3.73 -11.80 -29.79
C ASN A 79 -2.67 -12.39 -30.73
N PRO A 80 -2.50 -11.82 -31.91
CA PRO A 80 -1.46 -12.30 -32.84
C PRO A 80 -0.07 -12.03 -32.29
N PRO A 81 0.96 -12.78 -32.74
CA PRO A 81 2.23 -12.83 -32.00
C PRO A 81 3.02 -11.54 -31.93
N LYS A 82 2.72 -10.55 -32.76
CA LYS A 82 3.26 -9.20 -32.56
C LYS A 82 2.83 -8.57 -31.24
N PHE A 83 1.77 -9.08 -30.60
CA PHE A 83 1.34 -8.67 -29.27
C PHE A 83 1.86 -9.57 -28.16
N ASP A 84 2.87 -10.39 -28.43
CA ASP A 84 3.61 -11.04 -27.36
C ASP A 84 4.31 -10.02 -26.47
N LYS A 85 4.10 -10.14 -25.16
CA LYS A 85 4.83 -9.43 -24.09
C LYS A 85 4.79 -7.91 -24.20
N ILE A 86 3.77 -7.35 -24.85
CA ILE A 86 3.72 -5.90 -25.04
C ILE A 86 3.50 -5.15 -23.74
N GLU A 87 4.01 -3.93 -23.72
CA GLU A 87 4.22 -3.18 -22.50
C GLU A 87 2.95 -2.56 -21.95
N ASP A 88 1.98 -2.22 -22.80
CA ASP A 88 0.73 -1.61 -22.36
C ASP A 88 -0.42 -2.43 -22.93
N MET A 89 -1.18 -3.08 -22.04
CA MET A 89 -2.26 -3.98 -22.43
C MET A 89 -3.49 -3.27 -22.98
N ALA A 90 -3.59 -1.96 -22.84
CA ALA A 90 -4.64 -1.20 -23.53
C ALA A 90 -4.51 -1.24 -25.04
N MET A 91 -3.32 -1.51 -25.56
CA MET A 91 -3.09 -1.52 -27.00
C MET A 91 -3.33 -2.87 -27.65
N LEU A 92 -3.74 -3.89 -26.88
CA LEU A 92 -4.17 -5.16 -27.45
C LEU A 92 -5.42 -4.98 -28.30
N THR A 93 -5.59 -5.87 -29.28
CA THR A 93 -6.78 -5.85 -30.12
C THR A 93 -7.94 -6.57 -29.48
N PHE A 94 -7.67 -7.72 -28.87
CA PHE A 94 -8.65 -8.40 -28.03
C PHE A 94 -8.24 -8.14 -26.59
N LEU A 95 -9.17 -7.58 -25.83
CA LEU A 95 -8.95 -7.35 -24.41
C LEU A 95 -9.99 -8.12 -23.61
N HIS A 96 -9.52 -9.05 -22.79
CA HIS A 96 -10.36 -9.90 -21.96
C HIS A 96 -9.49 -10.40 -20.82
N GLU A 97 -10.07 -11.26 -19.97
CA GLU A 97 -9.31 -11.81 -18.84
C GLU A 97 -8.06 -12.58 -19.26
N PRO A 98 -8.10 -13.61 -20.14
CA PRO A 98 -6.87 -14.35 -20.41
C PRO A 98 -5.84 -13.58 -21.23
N ALA A 99 -6.24 -12.57 -22.00
CA ALA A 99 -5.27 -11.68 -22.65
C ALA A 99 -4.44 -10.91 -21.64
N VAL A 100 -5.05 -10.48 -20.54
CA VAL A 100 -4.29 -9.80 -19.49
C VAL A 100 -3.50 -10.80 -18.65
N LEU A 101 -4.09 -11.95 -18.37
CA LEU A 101 -3.41 -13.00 -17.60
C LEU A 101 -2.14 -13.49 -18.30
N TYR A 102 -2.27 -13.89 -19.55
CA TYR A 102 -1.11 -14.43 -20.26
C TYR A 102 -0.11 -13.36 -20.70
N ASN A 103 -0.53 -12.11 -20.90
CA ASN A 103 0.47 -11.07 -21.14
C ASN A 103 1.34 -10.83 -19.92
N LEU A 104 0.74 -10.81 -18.73
CA LEU A 104 1.49 -10.67 -17.50
C LEU A 104 2.38 -11.88 -17.22
N LYS A 105 1.84 -13.08 -17.38
CA LYS A 105 2.60 -14.31 -17.18
C LYS A 105 3.80 -14.41 -18.12
N ASP A 106 3.64 -13.99 -19.38
CA ASP A 106 4.74 -14.06 -20.33
C ASP A 106 5.80 -12.98 -20.11
N ARG A 107 5.42 -11.82 -19.63
CA ARG A 107 6.40 -10.82 -19.21
C ARG A 107 7.11 -11.24 -17.93
N TYR A 108 6.36 -11.72 -16.94
CA TYR A 108 6.96 -12.16 -15.67
C TYR A 108 7.89 -13.36 -15.88
N GLY A 109 7.55 -14.24 -16.81
CA GLY A 109 8.41 -15.36 -17.15
C GLY A 109 9.71 -14.96 -17.81
N SER A 110 9.82 -13.73 -18.30
CA SER A 110 11.08 -13.16 -18.74
C SER A 110 11.59 -12.11 -17.77
N TRP A 111 11.11 -12.15 -16.53
CA TRP A 111 11.45 -11.24 -15.42
C TRP A 111 11.21 -9.77 -15.73
N MET A 112 10.39 -9.46 -16.72
CA MET A 112 9.85 -8.12 -16.91
C MET A 112 8.61 -8.02 -16.04
N ILE A 113 8.80 -7.57 -14.79
CA ILE A 113 7.73 -7.67 -13.80
C ILE A 113 6.68 -6.58 -13.91
N TYR A 114 7.01 -5.42 -14.51
CA TYR A 114 6.07 -4.31 -14.61
C TYR A 114 5.35 -4.34 -15.97
N THR A 115 4.07 -3.94 -15.96
CA THR A 115 3.31 -3.77 -17.18
C THR A 115 2.33 -2.63 -16.99
N TYR A 116 2.09 -1.83 -18.03
CA TYR A 116 1.02 -0.86 -17.94
C TYR A 116 -0.32 -1.48 -18.33
N SER A 117 -1.38 -0.80 -17.91
CA SER A 117 -2.76 -1.23 -18.09
C SER A 117 -3.59 -0.03 -18.50
N GLY A 118 -3.13 0.68 -19.52
CA GLY A 118 -3.64 2.00 -19.77
C GLY A 118 -3.14 2.97 -18.72
N LEU A 119 -4.05 3.62 -18.00
CA LEU A 119 -3.71 4.69 -17.07
C LEU A 119 -2.93 4.22 -15.84
N PHE A 120 -2.82 2.92 -15.58
CA PHE A 120 -2.22 2.44 -14.35
C PHE A 120 -1.31 1.27 -14.68
N CYS A 121 -0.60 0.78 -13.66
CA CYS A 121 0.44 -0.22 -13.83
C CYS A 121 0.21 -1.43 -12.93
N VAL A 122 0.57 -2.60 -13.44
CA VAL A 122 0.53 -3.85 -12.70
C VAL A 122 1.97 -4.32 -12.42
N THR A 123 2.23 -4.69 -11.17
CA THR A 123 3.52 -5.24 -10.74
C THR A 123 3.33 -6.64 -10.22
N VAL A 124 4.03 -7.61 -10.78
CA VAL A 124 3.98 -9.00 -10.34
C VAL A 124 5.26 -9.32 -9.59
N ASN A 125 5.13 -9.73 -8.33
CA ASN A 125 6.22 -9.90 -7.36
C ASN A 125 7.26 -10.91 -7.84
N PRO A 126 8.51 -10.49 -8.09
CA PRO A 126 9.60 -11.46 -8.22
C PRO A 126 10.21 -11.81 -6.86
N TYR A 127 10.32 -13.08 -6.53
CA TYR A 127 11.05 -13.42 -5.32
C TYR A 127 12.57 -13.49 -5.52
N LYS A 128 13.13 -12.51 -6.22
CA LYS A 128 14.50 -12.48 -6.68
C LYS A 128 14.85 -11.03 -6.91
N TRP A 129 15.97 -10.58 -6.35
CA TRP A 129 16.41 -9.20 -6.54
C TRP A 129 17.05 -9.04 -7.92
N LEU A 130 16.32 -8.39 -8.83
CA LEU A 130 16.74 -8.08 -10.18
C LEU A 130 17.56 -6.79 -10.20
N PRO A 131 18.49 -6.65 -11.15
CA PRO A 131 19.38 -5.48 -11.18
C PRO A 131 18.73 -4.18 -11.69
N VAL A 132 17.42 -4.16 -11.93
CA VAL A 132 16.72 -3.05 -12.56
C VAL A 132 16.58 -1.79 -11.71
N TYR A 133 17.18 -1.77 -10.52
CA TYR A 133 16.95 -0.67 -9.59
C TYR A 133 18.22 0.11 -9.26
N THR A 134 19.30 -0.10 -10.00
CA THR A 134 20.56 0.59 -9.78
C THR A 134 20.43 2.08 -10.14
N PRO A 135 21.31 2.94 -9.62
CA PRO A 135 21.21 4.38 -9.93
C PRO A 135 21.54 4.76 -11.36
N GLU A 136 22.14 3.88 -12.16
CA GLU A 136 22.21 4.12 -13.60
C GLU A 136 20.85 3.97 -14.27
N VAL A 137 19.99 3.10 -13.76
CA VAL A 137 18.63 2.98 -14.28
C VAL A 137 17.76 4.17 -13.84
N VAL A 138 17.98 4.69 -12.63
CA VAL A 138 17.35 5.96 -12.22
C VAL A 138 17.70 7.07 -13.21
N ALA A 139 18.99 7.16 -13.58
CA ALA A 139 19.41 8.13 -14.59
C ALA A 139 18.81 7.82 -15.96
N ALA A 140 18.70 6.54 -16.30
CA ALA A 140 18.12 6.13 -17.57
C ALA A 140 16.62 6.39 -17.69
N TYR A 141 15.89 6.48 -16.59
CA TYR A 141 14.47 6.81 -16.66
C TYR A 141 14.15 8.29 -16.62
N ARG A 142 15.09 9.15 -16.19
CA ARG A 142 14.82 10.56 -15.97
C ARG A 142 14.33 11.26 -17.23
N GLY A 143 13.11 11.77 -17.17
CA GLY A 143 12.49 12.55 -18.22
C GLY A 143 11.99 11.78 -19.41
N LYS A 144 12.13 10.45 -19.44
CA LYS A 144 11.54 9.68 -20.52
C LYS A 144 10.04 9.54 -20.34
N LYS A 145 9.33 9.52 -21.46
CA LYS A 145 7.89 9.33 -21.49
C LYS A 145 7.53 7.86 -21.63
N ARG A 146 6.27 7.54 -21.29
CA ARG A 146 5.75 6.17 -21.38
C ARG A 146 5.80 5.60 -22.79
N SER A 147 5.73 6.44 -23.82
CA SER A 147 5.92 5.97 -25.18
C SER A 147 7.35 5.49 -25.45
N GLU A 148 8.32 5.94 -24.67
CA GLU A 148 9.73 5.68 -24.92
C GLU A 148 10.27 4.50 -24.11
N ALA A 149 10.27 4.62 -22.78
CA ALA A 149 10.92 3.75 -21.83
C ALA A 149 10.02 2.57 -21.45
N PRO A 150 10.62 1.40 -21.17
CA PRO A 150 9.83 0.25 -20.72
C PRO A 150 9.23 0.49 -19.34
N PRO A 151 8.09 -0.16 -19.04
CA PRO A 151 7.41 0.07 -17.75
C PRO A 151 8.25 -0.34 -16.56
N HIS A 152 8.17 0.49 -15.53
CA HIS A 152 9.00 0.34 -14.34
C HIS A 152 8.38 1.25 -13.30
N ILE A 153 8.68 0.98 -12.03
CA ILE A 153 8.24 1.87 -10.96
C ILE A 153 8.90 3.24 -11.08
N PHE A 154 10.09 3.32 -11.67
CA PHE A 154 10.72 4.59 -11.97
C PHE A 154 9.97 5.35 -13.05
N SER A 155 9.34 4.64 -13.98
CA SER A 155 8.51 5.27 -15.01
C SER A 155 7.29 5.94 -14.40
N ILE A 156 6.59 5.25 -13.48
CA ILE A 156 5.41 5.79 -12.81
C ILE A 156 5.75 7.00 -11.98
N SER A 157 6.89 6.94 -11.27
CA SER A 157 7.39 8.05 -10.47
C SER A 157 7.64 9.29 -11.32
N ASP A 158 8.31 9.12 -12.47
CA ASP A 158 8.62 10.25 -13.33
C ASP A 158 7.40 10.76 -14.07
N ASN A 159 6.49 9.86 -14.47
CA ASN A 159 5.23 10.25 -15.09
C ASN A 159 4.39 11.13 -14.18
N ALA A 160 4.26 10.71 -12.91
CA ALA A 160 3.61 11.54 -11.88
C ALA A 160 4.34 12.86 -11.69
N TYR A 161 5.67 12.84 -11.74
CA TYR A 161 6.46 14.06 -11.62
C TYR A 161 6.27 14.99 -12.82
N GLN A 162 6.14 14.43 -14.02
CA GLN A 162 5.83 15.24 -15.20
C GLN A 162 4.46 15.88 -15.14
N TYR A 163 3.44 15.14 -14.69
CA TYR A 163 2.11 15.73 -14.47
C TYR A 163 2.13 16.83 -13.42
N MET A 164 2.85 16.60 -12.32
CA MET A 164 2.97 17.57 -11.24
C MET A 164 3.47 18.92 -11.72
N LEU A 165 4.52 18.93 -12.53
CA LEU A 165 5.05 20.18 -13.04
C LEU A 165 4.19 20.77 -14.15
N THR A 166 3.59 19.93 -15.00
CA THR A 166 2.81 20.45 -16.11
C THR A 166 1.44 20.96 -15.68
N ASP A 167 0.71 20.16 -14.89
CA ASP A 167 -0.63 20.56 -14.46
C ASP A 167 -0.63 21.49 -13.26
N ARG A 168 0.50 21.59 -12.55
CA ARG A 168 0.64 22.34 -11.29
C ARG A 168 -0.37 21.86 -10.26
N GLU A 169 -0.55 20.55 -10.19
CA GLU A 169 -1.52 19.89 -9.33
C GLU A 169 -0.80 18.85 -8.49
N ASN A 170 -1.23 18.69 -7.24
CA ASN A 170 -0.71 17.64 -6.38
C ASN A 170 -1.01 16.27 -6.95
N GLN A 171 -0.06 15.36 -6.85
CA GLN A 171 -0.20 14.02 -7.39
C GLN A 171 -0.17 13.02 -6.25
N SER A 172 -0.66 11.82 -6.52
CA SER A 172 -0.56 10.75 -5.56
C SER A 172 -0.22 9.45 -6.28
N ILE A 173 0.57 8.60 -5.62
CA ILE A 173 0.85 7.26 -6.10
C ILE A 173 0.25 6.28 -5.12
N LEU A 174 -0.76 5.55 -5.55
CA LEU A 174 -1.59 4.70 -4.70
C LEU A 174 -1.27 3.25 -4.99
N ILE A 175 -0.38 2.68 -4.18
CA ILE A 175 0.12 1.34 -4.39
C ILE A 175 -0.76 0.39 -3.58
N THR A 176 -1.19 -0.71 -4.22
CA THR A 176 -2.29 -1.52 -3.71
C THR A 176 -2.00 -2.98 -3.97
N GLY A 177 -2.52 -3.84 -3.11
CA GLY A 177 -2.24 -5.27 -3.19
C GLY A 177 -2.48 -5.92 -1.85
N GLU A 178 -2.50 -7.25 -1.88
CA GLU A 178 -2.58 -8.06 -0.67
C GLU A 178 -1.27 -7.97 0.15
N SER A 179 -1.23 -8.72 1.23
CA SER A 179 0.03 -8.94 1.95
C SER A 179 0.95 -9.86 1.15
N GLY A 180 2.22 -9.49 1.05
CA GLY A 180 3.18 -10.22 0.26
C GLY A 180 3.32 -9.81 -1.19
N ALA A 181 2.69 -8.72 -1.60
CA ALA A 181 2.56 -8.38 -3.01
C ALA A 181 3.71 -7.57 -3.58
N GLY A 182 4.39 -6.77 -2.76
CA GLY A 182 5.51 -5.99 -3.25
C GLY A 182 5.28 -4.51 -3.02
N LYS A 183 4.25 -4.23 -2.23
CA LYS A 183 3.80 -2.87 -1.96
C LYS A 183 4.86 -2.03 -1.26
N THR A 184 5.61 -2.64 -0.35
CA THR A 184 6.56 -1.89 0.49
C THR A 184 7.86 -1.57 -0.25
N VAL A 185 8.42 -2.55 -0.96
CA VAL A 185 9.62 -2.27 -1.74
C VAL A 185 9.34 -1.34 -2.91
N ASN A 186 8.18 -1.46 -3.57
CA ASN A 186 7.82 -0.52 -4.64
C ASN A 186 7.62 0.89 -4.11
N THR A 187 7.09 1.01 -2.90
CA THR A 187 7.10 2.30 -2.20
C THR A 187 8.51 2.82 -2.02
N LYS A 188 9.43 1.98 -1.53
CA LYS A 188 10.83 2.35 -1.35
C LYS A 188 11.52 2.75 -2.64
N ARG A 189 11.16 2.13 -3.77
CA ARG A 189 11.77 2.47 -5.04
C ARG A 189 11.31 3.84 -5.55
N VAL A 190 10.04 4.17 -5.36
CA VAL A 190 9.55 5.52 -5.62
C VAL A 190 10.33 6.53 -4.80
N ILE A 191 10.57 6.20 -3.53
CA ILE A 191 11.31 7.08 -2.63
C ILE A 191 12.77 7.16 -3.02
N GLN A 192 13.36 6.02 -3.43
CA GLN A 192 14.69 5.99 -4.00
C GLN A 192 14.81 6.84 -5.26
N TYR A 193 13.84 6.74 -6.18
CA TYR A 193 13.86 7.48 -7.44
C TYR A 193 13.98 8.98 -7.23
N PHE A 194 13.04 9.58 -6.49
CA PHE A 194 13.06 11.02 -6.26
C PHE A 194 14.29 11.49 -5.49
N ALA A 195 14.75 10.69 -4.52
CA ALA A 195 15.96 11.05 -3.78
C ALA A 195 17.20 11.07 -4.67
N VAL A 196 17.40 10.00 -5.47
CA VAL A 196 18.58 9.92 -6.34
C VAL A 196 18.54 10.98 -7.44
N ILE A 197 17.35 11.25 -8.02
CA ILE A 197 17.20 12.37 -8.95
C ILE A 197 17.54 13.70 -8.28
N ALA A 198 17.12 13.89 -7.04
CA ALA A 198 17.51 15.10 -6.31
C ALA A 198 18.98 15.10 -5.92
N ALA A 199 19.62 13.92 -5.85
CA ALA A 199 21.06 13.88 -5.65
C ALA A 199 21.83 14.10 -6.95
N ILE A 200 21.27 13.66 -8.09
CA ILE A 200 21.96 13.82 -9.37
C ILE A 200 21.98 15.29 -9.81
N GLY A 201 21.08 16.10 -9.24
CA GLY A 201 20.89 17.53 -9.48
C GLY A 201 21.99 18.47 -9.95
N GLY A 213 22.94 13.63 -0.91
CA GLY A 213 22.83 14.75 0.01
C GLY A 213 22.18 14.37 1.32
N THR A 214 22.05 15.34 2.23
CA THR A 214 21.62 15.04 3.59
C THR A 214 20.14 14.67 3.66
N LEU A 215 19.28 15.50 3.07
CA LEU A 215 17.85 15.21 3.02
C LEU A 215 17.54 14.00 2.16
N GLU A 216 18.28 13.82 1.07
CA GLU A 216 18.09 12.67 0.19
C GLU A 216 18.42 11.35 0.87
N ASP A 217 19.49 11.33 1.68
CA ASP A 217 19.83 10.12 2.43
C ASP A 217 18.87 9.88 3.60
N GLN A 218 18.53 10.92 4.36
CA GLN A 218 17.60 10.81 5.49
C GLN A 218 16.23 10.28 5.08
N ILE A 219 15.70 10.75 3.96
CA ILE A 219 14.43 10.25 3.43
C ILE A 219 14.53 8.75 3.11
N ILE A 220 15.69 8.30 2.63
CA ILE A 220 15.89 6.89 2.32
C ILE A 220 15.96 6.04 3.59
N GLN A 221 16.62 6.55 4.65
CA GLN A 221 16.72 5.82 5.91
C GLN A 221 15.43 5.80 6.72
N ALA A 222 14.50 6.73 6.46
CA ALA A 222 13.24 6.77 7.20
C ALA A 222 12.43 5.47 7.08
N ASN A 223 12.56 4.73 5.97
CA ASN A 223 11.89 3.44 5.88
C ASN A 223 12.49 2.36 6.79
N PRO A 224 13.80 1.98 6.69
CA PRO A 224 14.30 0.89 7.57
C PRO A 224 14.27 1.18 9.07
N ALA A 225 14.33 2.45 9.47
CA ALA A 225 14.13 2.81 10.87
C ALA A 225 12.74 2.44 11.36
N LEU A 226 11.71 2.70 10.55
CA LEU A 226 10.35 2.31 10.93
C LEU A 226 10.11 0.82 10.76
N GLU A 227 10.80 0.16 9.83
CA GLU A 227 10.62 -1.28 9.66
C GLU A 227 11.09 -2.09 10.85
N ALA A 228 12.14 -1.65 11.56
CA ALA A 228 12.56 -2.34 12.77
C ALA A 228 11.45 -2.41 13.82
N PHE A 229 10.77 -1.28 14.04
CA PHE A 229 9.74 -1.20 15.05
C PHE A 229 8.32 -1.41 14.54
N GLY A 230 8.10 -1.32 13.23
CA GLY A 230 6.76 -1.40 12.69
C GLY A 230 6.47 -2.59 11.82
N ASN A 231 7.49 -3.32 11.39
CA ASN A 231 7.29 -4.52 10.60
C ASN A 231 7.52 -5.77 11.42
N ALA A 232 6.88 -6.86 11.00
CA ALA A 232 7.01 -8.14 11.67
C ALA A 232 6.87 -9.27 10.69
N LYS A 233 7.48 -10.41 11.03
CA LYS A 233 7.28 -11.62 10.25
C LYS A 233 5.89 -12.17 10.48
N THR A 234 5.17 -12.42 9.39
CA THR A 234 3.85 -13.03 9.39
C THR A 234 3.87 -14.16 8.37
N VAL A 235 2.81 -14.97 8.38
CA VAL A 235 2.78 -16.16 7.52
C VAL A 235 2.81 -15.79 6.03
N ARG A 236 2.18 -14.67 5.65
CA ARG A 236 2.20 -14.25 4.25
C ARG A 236 3.47 -13.52 3.87
N ASN A 237 4.07 -12.77 4.78
CA ASN A 237 5.34 -12.13 4.49
C ASN A 237 6.23 -12.08 5.72
N ASP A 238 7.53 -12.24 5.48
CA ASP A 238 8.56 -12.14 6.52
C ASP A 238 8.85 -10.71 6.95
N ASN A 239 8.31 -9.73 6.24
CA ASN A 239 8.58 -8.32 6.53
C ASN A 239 7.28 -7.53 6.38
N SER A 240 6.18 -8.08 6.91
CA SER A 240 4.88 -7.41 6.79
C SER A 240 4.87 -6.10 7.55
N SER A 241 4.38 -5.05 6.91
CA SER A 241 4.25 -3.75 7.56
C SER A 241 2.96 -3.72 8.36
N ARG A 242 3.06 -3.84 9.68
CA ARG A 242 1.91 -3.81 10.58
C ARG A 242 1.38 -2.39 10.82
N PHE A 243 1.69 -1.44 9.95
CA PHE A 243 1.18 -0.08 10.00
C PHE A 243 0.95 0.38 8.57
N GLY A 244 -0.11 1.15 8.36
CA GLY A 244 -0.29 1.87 7.12
C GLY A 244 0.55 3.13 7.10
N LYS A 245 0.96 3.53 5.90
CA LYS A 245 1.86 4.66 5.77
C LYS A 245 1.46 5.52 4.58
N PHE A 246 1.52 6.83 4.75
CA PHE A 246 1.36 7.78 3.66
C PHE A 246 2.54 8.73 3.69
N ILE A 247 3.29 8.81 2.60
CA ILE A 247 4.46 9.66 2.50
C ILE A 247 4.15 10.78 1.52
N ARG A 248 4.22 12.02 1.98
CA ARG A 248 4.13 13.18 1.09
C ARG A 248 5.54 13.65 0.77
N ILE A 249 5.97 13.43 -0.47
CA ILE A 249 7.22 13.98 -0.97
C ILE A 249 6.92 15.35 -1.55
N HIS A 250 7.55 16.39 -1.01
CA HIS A 250 7.23 17.76 -1.38
C HIS A 250 8.29 18.32 -2.32
N PHE A 251 7.82 19.05 -3.33
CA PHE A 251 8.67 19.65 -4.35
C PHE A 251 8.38 21.14 -4.46
N GLY A 252 9.41 21.89 -4.81
CA GLY A 252 9.28 23.31 -5.06
C GLY A 252 8.75 23.60 -6.44
N ALA A 253 8.59 24.90 -6.73
CA ALA A 253 8.10 25.34 -8.03
C ALA A 253 9.05 24.93 -9.16
N THR A 254 10.35 24.90 -8.89
CA THR A 254 11.32 24.41 -9.87
C THR A 254 11.36 22.89 -9.97
N GLY A 255 10.68 22.17 -9.08
CA GLY A 255 10.62 20.73 -9.14
C GLY A 255 11.65 19.98 -8.33
N LYS A 256 12.57 20.66 -7.65
CA LYS A 256 13.51 19.98 -6.79
C LYS A 256 12.89 19.64 -5.43
N LEU A 257 13.27 18.47 -4.90
CA LEU A 257 12.86 17.97 -3.59
C LEU A 257 13.09 18.98 -2.46
N ALA A 258 12.09 19.11 -1.59
CA ALA A 258 12.13 20.15 -0.59
C ALA A 258 11.81 19.66 0.83
N SER A 259 10.98 18.62 0.97
CA SER A 259 10.65 18.05 2.29
C SER A 259 10.00 16.69 2.08
N ALA A 260 9.86 15.96 3.18
CA ALA A 260 8.95 14.82 3.24
C ALA A 260 8.22 14.79 4.57
N ASP A 261 6.95 14.40 4.55
CA ASP A 261 6.20 13.99 5.73
C ASP A 261 5.90 12.51 5.68
N ILE A 262 6.17 11.80 6.77
CA ILE A 262 5.63 10.47 7.01
C ILE A 262 4.42 10.59 7.91
N GLU A 263 3.30 10.01 7.51
CA GLU A 263 2.16 9.78 8.41
C GLU A 263 1.86 8.30 8.47
N THR A 264 1.58 7.80 9.67
CA THR A 264 1.27 6.39 9.90
C THR A 264 -0.08 6.28 10.59
N TYR A 265 -0.82 5.21 10.27
CA TYR A 265 -2.24 5.17 10.56
C TYR A 265 -2.63 4.27 11.72
N LEU A 266 -2.33 2.97 11.70
CA LEU A 266 -2.73 2.13 12.82
C LEU A 266 -1.74 0.99 12.97
N LEU A 267 -0.84 1.13 13.94
CA LEU A 267 0.06 0.05 14.31
C LEU A 267 -0.71 -1.07 15.02
N GLU A 268 -0.43 -2.32 14.64
CA GLU A 268 -0.99 -3.50 15.29
C GLU A 268 -0.39 -3.71 16.69
N LYS A 269 -0.81 -2.87 17.64
CA LYS A 269 -0.24 -2.84 18.98
C LYS A 269 -0.43 -4.14 19.78
N SER A 270 -1.42 -4.97 19.47
CA SER A 270 -1.57 -6.24 20.19
C SER A 270 -0.41 -7.20 19.93
N ARG A 271 0.27 -7.08 18.79
CA ARG A 271 1.42 -7.92 18.46
C ARG A 271 2.55 -7.81 19.50
N VAL A 272 2.67 -6.66 20.17
CA VAL A 272 3.70 -6.42 21.19
C VAL A 272 3.66 -7.43 22.35
N ILE A 273 2.50 -8.02 22.62
CA ILE A 273 2.37 -8.90 23.78
C ILE A 273 1.81 -10.26 23.36
N PHE A 274 1.27 -10.36 22.15
CA PHE A 274 0.66 -11.59 21.70
C PHE A 274 1.06 -11.85 20.26
N GLN A 275 1.49 -13.08 19.98
CA GLN A 275 1.72 -13.50 18.60
C GLN A 275 1.16 -14.90 18.43
N LEU A 276 0.61 -15.16 17.24
CA LEU A 276 0.24 -16.52 16.90
C LEU A 276 1.48 -17.35 16.62
N LYS A 277 1.32 -18.67 16.67
CA LYS A 277 2.33 -19.57 16.12
C LYS A 277 2.50 -19.32 14.63
N ALA A 278 3.73 -19.56 14.17
CA ALA A 278 4.25 -19.34 12.81
C ALA A 278 4.42 -17.86 12.46
N GLU A 279 4.44 -16.96 13.45
CA GLU A 279 4.73 -15.56 13.15
C GLU A 279 5.49 -14.96 14.32
N ARG A 280 6.16 -13.84 14.05
CA ARG A 280 7.03 -13.15 14.99
C ARG A 280 6.33 -11.95 15.62
N ASP A 281 6.95 -11.46 16.68
CA ASP A 281 6.81 -10.08 17.14
C ASP A 281 7.48 -9.12 16.13
N TYR A 282 7.55 -7.84 16.47
CA TYR A 282 8.32 -6.87 15.69
C TYR A 282 9.79 -7.25 15.64
N HIS A 283 10.44 -6.90 14.52
CA HIS A 283 11.84 -7.25 14.26
C HIS A 283 12.80 -6.72 15.33
N ILE A 284 12.48 -5.57 15.93
CA ILE A 284 13.37 -4.90 16.89
C ILE A 284 13.76 -5.80 18.06
N PHE A 285 12.81 -6.55 18.61
CA PHE A 285 13.07 -7.40 19.78
C PHE A 285 14.08 -8.49 19.47
N TYR A 286 13.94 -9.13 18.30
CA TYR A 286 14.80 -10.24 17.94
C TYR A 286 16.15 -9.79 17.40
N GLN A 287 16.25 -8.59 16.84
CA GLN A 287 17.53 -8.15 16.30
C GLN A 287 18.47 -7.63 17.37
N ILE A 288 17.96 -7.03 18.44
CA ILE A 288 18.77 -6.72 19.61
C ILE A 288 19.38 -7.99 20.21
N LEU A 289 18.54 -9.02 20.41
CA LEU A 289 19.01 -10.27 20.99
C LEU A 289 19.96 -11.07 20.09
N SER A 290 19.68 -11.14 18.78
CA SER A 290 20.37 -12.11 17.94
C SER A 290 21.80 -11.70 17.60
N ASN A 291 22.11 -10.42 17.57
CA ASN A 291 23.52 -10.03 17.46
C ASN A 291 24.32 -10.33 18.71
N LYS A 292 23.64 -10.63 19.84
CA LYS A 292 24.23 -10.71 21.18
C LYS A 292 25.13 -9.52 21.49
N LYS A 293 24.71 -8.34 21.02
CA LYS A 293 25.49 -7.11 21.01
C LYS A 293 25.89 -6.72 22.41
N PRO A 294 27.21 -6.67 22.72
CA PRO A 294 27.66 -6.52 24.11
C PRO A 294 27.12 -5.30 24.84
N GLU A 295 27.06 -4.15 24.17
CA GLU A 295 26.52 -2.95 24.82
C GLU A 295 25.03 -3.07 25.12
N LEU A 296 24.23 -3.60 24.19
CA LEU A 296 22.78 -3.61 24.39
C LEU A 296 22.33 -4.68 25.38
N LEU A 297 22.91 -5.87 25.33
CA LEU A 297 22.51 -6.90 26.30
C LEU A 297 23.03 -6.67 27.71
N ASP A 298 23.97 -5.76 27.92
CA ASP A 298 24.31 -5.35 29.28
C ASP A 298 23.53 -4.13 29.75
N MET A 299 23.34 -3.14 28.87
CA MET A 299 22.54 -1.97 29.23
C MET A 299 21.09 -2.37 29.44
N LEU A 300 20.51 -3.07 28.49
CA LEU A 300 19.20 -3.67 28.69
C LEU A 300 19.48 -4.97 29.42
N LEU A 301 18.76 -5.26 30.49
CA LEU A 301 19.13 -6.44 31.27
C LEU A 301 18.62 -7.74 30.66
N ILE A 302 18.83 -7.93 29.35
CA ILE A 302 18.14 -8.93 28.55
C ILE A 302 19.09 -10.04 28.11
N THR A 303 19.97 -10.45 29.04
CA THR A 303 21.14 -11.31 28.78
C THR A 303 20.85 -12.62 28.05
N ASN A 304 19.60 -13.08 28.05
CA ASN A 304 19.27 -14.44 27.67
C ASN A 304 19.00 -14.61 26.17
N ASN A 305 18.67 -15.85 25.80
CA ASN A 305 18.05 -16.18 24.53
C ASN A 305 16.58 -15.76 24.52
N PRO A 306 15.94 -15.67 23.34
CA PRO A 306 14.58 -15.09 23.30
C PRO A 306 13.47 -15.98 23.86
N TYR A 307 13.69 -17.27 24.09
CA TYR A 307 12.59 -18.15 24.46
C TYR A 307 12.09 -18.00 25.89
N ASP A 308 12.68 -17.12 26.69
CA ASP A 308 12.29 -16.94 28.08
C ASP A 308 11.62 -15.59 28.37
N TYR A 309 11.71 -14.64 27.44
CA TYR A 309 10.97 -13.38 27.54
C TYR A 309 9.61 -13.58 26.88
N ALA A 310 8.60 -13.72 27.76
CA ALA A 310 7.29 -14.28 27.44
C ALA A 310 6.58 -13.58 26.28
N PHE A 311 6.54 -12.24 26.30
CA PHE A 311 5.88 -11.46 25.25
C PHE A 311 6.38 -11.78 23.84
N ILE A 312 7.68 -12.04 23.69
CA ILE A 312 8.25 -12.25 22.37
C ILE A 312 8.48 -13.71 22.05
N SER A 313 8.45 -14.59 23.06
CA SER A 313 8.94 -15.96 22.89
C SER A 313 7.94 -16.85 22.16
N GLN A 314 6.65 -16.56 22.33
CA GLN A 314 5.62 -17.27 21.59
C GLN A 314 5.73 -17.00 20.09
N GLY A 315 5.10 -17.86 19.32
CA GLY A 315 5.31 -17.82 17.89
C GLY A 315 6.67 -18.36 17.51
N GLU A 316 7.39 -17.61 16.67
CA GLU A 316 8.69 -18.02 16.14
C GLU A 316 9.73 -16.99 16.47
N THR A 317 10.89 -17.41 16.95
CA THR A 317 11.93 -16.45 17.28
C THR A 317 13.00 -16.32 16.21
N THR A 318 13.07 -17.25 15.26
CA THR A 318 14.07 -17.20 14.21
C THR A 318 13.40 -17.34 12.83
N VAL A 319 13.91 -16.58 11.86
CA VAL A 319 13.41 -16.61 10.49
C VAL A 319 14.61 -16.68 9.55
N ALA A 320 14.57 -17.61 8.61
CA ALA A 320 15.70 -17.85 7.73
C ALA A 320 15.98 -16.70 6.78
N SER A 321 14.94 -15.99 6.33
CA SER A 321 15.14 -14.89 5.38
C SER A 321 15.78 -13.65 5.98
N ILE A 322 15.88 -13.54 7.30
CA ILE A 322 16.37 -12.32 7.95
C ILE A 322 17.56 -12.68 8.83
N ASP A 323 18.70 -12.09 8.53
CA ASP A 323 19.89 -12.14 9.38
C ASP A 323 19.83 -10.94 10.32
N ASP A 324 19.21 -11.16 11.49
CA ASP A 324 18.89 -10.11 12.45
C ASP A 324 20.12 -9.34 12.94
N ALA A 325 21.29 -9.98 12.96
CA ALA A 325 22.52 -9.29 13.33
C ALA A 325 22.88 -8.17 12.36
N GLU A 326 22.69 -8.39 11.06
CA GLU A 326 23.01 -7.34 10.09
C GLU A 326 21.89 -6.32 9.98
N GLU A 327 20.64 -6.76 10.12
CA GLU A 327 19.51 -5.85 10.18
C GLU A 327 19.55 -4.93 11.39
N LEU A 328 20.07 -5.40 12.53
CA LEU A 328 20.27 -4.54 13.70
C LEU A 328 21.13 -3.34 13.36
N MET A 329 22.31 -3.58 12.79
CA MET A 329 23.25 -2.50 12.48
C MET A 329 22.72 -1.59 11.39
N ALA A 330 21.92 -2.15 10.47
CA ALA A 330 21.27 -1.35 9.43
C ALA A 330 20.27 -0.35 10.01
N THR A 331 19.51 -0.76 11.04
CA THR A 331 18.57 0.18 11.64
C THR A 331 19.18 1.03 12.73
N ASP A 332 20.18 0.51 13.43
CA ASP A 332 20.97 1.34 14.35
C ASP A 332 21.60 2.51 13.60
N ASN A 333 22.20 2.22 12.44
CA ASN A 333 22.69 3.28 11.55
C ASN A 333 21.58 4.16 11.00
N ALA A 334 20.39 3.60 10.73
CA ALA A 334 19.24 4.40 10.29
C ALA A 334 18.87 5.49 11.28
N PHE A 335 18.81 5.17 12.57
CA PHE A 335 18.59 6.19 13.59
C PHE A 335 19.75 7.16 13.70
N ASP A 336 20.98 6.73 13.42
CA ASP A 336 22.12 7.64 13.38
C ASP A 336 21.99 8.68 12.27
N VAL A 337 21.62 8.24 11.06
CA VAL A 337 21.51 9.16 9.93
C VAL A 337 20.34 10.11 10.09
N LEU A 338 19.21 9.62 10.63
CA LEU A 338 18.10 10.46 11.03
C LEU A 338 18.35 11.33 12.26
N GLY A 339 19.56 11.31 12.83
CA GLY A 339 19.93 12.24 13.87
C GLY A 339 19.20 12.04 15.19
N PHE A 340 18.87 10.80 15.53
CA PHE A 340 18.50 10.48 16.90
C PHE A 340 19.75 10.58 17.76
N THR A 341 19.68 11.39 18.81
CA THR A 341 20.82 11.56 19.71
C THR A 341 21.07 10.28 20.49
N SER A 342 22.29 10.19 21.04
CA SER A 342 22.72 9.00 21.77
C SER A 342 21.80 8.68 22.95
N GLU A 343 21.37 9.69 23.72
CA GLU A 343 20.45 9.44 24.81
C GLU A 343 19.07 9.03 24.32
N GLU A 344 18.60 9.56 23.19
CA GLU A 344 17.30 9.18 22.65
C GLU A 344 17.32 7.74 22.14
N LYS A 345 18.34 7.41 21.36
CA LYS A 345 18.48 6.07 20.80
C LYS A 345 18.63 5.02 21.90
N ASN A 346 19.41 5.32 22.94
CA ASN A 346 19.47 4.44 24.12
C ASN A 346 18.13 4.33 24.84
N SER A 347 17.41 5.44 24.99
CA SER A 347 16.13 5.45 25.70
C SER A 347 15.08 4.58 24.99
N MET A 348 14.98 4.68 23.67
CA MET A 348 14.02 3.87 22.95
C MET A 348 14.41 2.39 22.91
N TYR A 349 15.71 2.08 22.99
CA TYR A 349 16.10 0.69 23.29
C TYR A 349 15.67 0.26 24.69
N LYS A 350 15.88 1.13 25.68
CA LYS A 350 15.50 0.83 27.07
C LYS A 350 14.03 0.47 27.23
N LEU A 351 13.14 1.19 26.55
CA LEU A 351 11.72 0.84 26.62
C LEU A 351 11.43 -0.51 25.97
N THR A 352 12.08 -0.84 24.85
CA THR A 352 11.96 -2.19 24.30
C THR A 352 12.56 -3.25 25.21
N GLY A 353 13.62 -2.91 25.95
CA GLY A 353 14.14 -3.82 26.95
C GLY A 353 13.19 -4.02 28.11
N ALA A 354 12.65 -2.91 28.63
CA ALA A 354 11.67 -2.95 29.72
C ALA A 354 10.43 -3.77 29.38
N ILE A 355 9.87 -3.58 28.19
CA ILE A 355 8.70 -4.33 27.71
C ILE A 355 8.95 -5.85 27.73
N MET A 356 10.18 -6.26 27.40
CA MET A 356 10.53 -7.68 27.50
C MET A 356 10.48 -8.19 28.94
N HIS A 357 11.07 -7.43 29.88
CA HIS A 357 10.99 -7.79 31.29
C HIS A 357 9.57 -7.66 31.84
N PHE A 358 8.82 -6.67 31.36
CA PHE A 358 7.50 -6.33 31.90
C PHE A 358 6.49 -7.46 31.72
N GLY A 359 6.69 -8.29 30.69
CA GLY A 359 5.92 -9.49 30.47
C GLY A 359 6.30 -10.69 31.31
N ASN A 360 7.45 -10.66 31.97
CA ASN A 360 7.87 -11.73 32.84
C ASN A 360 7.39 -11.60 34.28
N MET A 361 6.86 -10.44 34.68
CA MET A 361 6.38 -10.23 36.05
C MET A 361 5.32 -11.24 36.45
N LYS A 362 5.49 -11.82 37.63
CA LYS A 362 4.65 -12.88 38.17
C LYS A 362 3.76 -12.33 39.26
N PHE A 363 2.48 -12.70 39.23
CA PHE A 363 1.56 -12.30 40.29
C PHE A 363 0.84 -13.52 40.85
N LYS A 364 0.52 -13.46 42.13
CA LYS A 364 -0.17 -14.53 42.82
C LYS A 364 -1.28 -13.98 43.70
N LEU A 365 -2.24 -14.85 44.02
CA LEU A 365 -3.35 -14.50 44.91
C LEU A 365 -2.93 -14.43 46.38
N LYS A 366 -3.29 -13.32 47.03
CA LYS A 366 -3.22 -13.24 48.49
C LYS A 366 -4.21 -14.24 49.07
N GLN A 367 -3.84 -14.84 50.21
CA GLN A 367 -4.39 -16.13 50.64
C GLN A 367 -5.90 -16.11 50.91
N ARG A 368 -6.50 -14.95 51.18
CA ARG A 368 -7.93 -14.86 51.45
C ARG A 368 -8.65 -13.72 50.75
N GLU A 369 -7.94 -12.77 50.13
CA GLU A 369 -8.52 -11.47 49.81
C GLU A 369 -9.11 -11.37 48.41
N GLU A 370 -8.95 -12.40 47.54
CA GLU A 370 -9.35 -12.35 46.12
C GLU A 370 -8.65 -11.19 45.40
N GLN A 371 -7.36 -11.04 45.69
CA GLN A 371 -6.59 -9.86 45.36
C GLN A 371 -5.18 -10.30 45.00
N ALA A 372 -4.58 -9.63 44.02
CA ALA A 372 -3.27 -10.00 43.53
C ALA A 372 -2.17 -9.43 44.43
N GLU A 373 -1.06 -10.16 44.46
CA GLU A 373 0.20 -9.66 44.99
C GLU A 373 1.31 -10.13 44.06
N PRO A 374 2.45 -9.44 44.03
CA PRO A 374 3.56 -9.91 43.18
C PRO A 374 4.14 -11.21 43.71
N ASP A 375 4.31 -12.17 42.80
CA ASP A 375 4.92 -13.46 43.12
C ASP A 375 6.44 -13.39 42.99
N GLY A 376 6.92 -12.70 41.97
CA GLY A 376 8.34 -12.51 41.78
C GLY A 376 8.61 -11.07 41.40
N THR A 377 9.65 -10.49 41.98
CA THR A 377 9.85 -9.05 41.92
C THR A 377 11.16 -8.68 41.24
N GLU A 378 12.00 -9.66 40.91
CA GLU A 378 13.26 -9.38 40.22
C GLU A 378 13.04 -8.81 38.83
N GLU A 379 12.02 -9.30 38.10
CA GLU A 379 11.73 -8.78 36.77
C GLU A 379 10.99 -7.44 36.80
N ALA A 380 10.29 -7.14 37.89
CA ALA A 380 9.75 -5.81 38.10
C ALA A 380 10.84 -4.78 38.42
N ASP A 381 11.85 -5.20 39.19
CA ASP A 381 13.00 -4.34 39.45
C ASP A 381 13.75 -3.97 38.17
N LYS A 382 13.98 -4.94 37.28
CA LYS A 382 14.57 -4.67 35.97
C LYS A 382 13.73 -3.70 35.14
N SER A 383 12.42 -3.93 35.07
CA SER A 383 11.50 -3.04 34.36
C SER A 383 11.52 -1.62 34.92
N ALA A 384 11.37 -1.49 36.24
CA ALA A 384 11.36 -0.17 36.87
C ALA A 384 12.70 0.54 36.74
N TYR A 385 13.81 -0.19 36.76
CA TYR A 385 15.12 0.43 36.56
C TYR A 385 15.24 1.04 35.17
N LEU A 386 14.91 0.25 34.14
CA LEU A 386 14.99 0.72 32.76
C LEU A 386 14.02 1.86 32.48
N MET A 387 12.79 1.75 32.99
CA MET A 387 11.79 2.81 32.86
C MET A 387 11.99 3.97 33.83
N GLY A 388 13.01 3.92 34.68
CA GLY A 388 13.23 4.98 35.67
C GLY A 388 12.08 5.19 36.63
N LEU A 389 11.40 4.11 37.02
CA LEU A 389 10.31 4.17 37.98
C LEU A 389 10.81 3.80 39.37
N ASN A 390 9.89 3.73 40.32
CA ASN A 390 10.12 3.08 41.61
C ASN A 390 9.39 1.76 41.62
N SER A 391 10.13 0.68 41.90
CA SER A 391 9.61 -0.67 41.77
C SER A 391 8.49 -0.97 42.76
N ALA A 392 8.63 -0.50 44.01
CA ALA A 392 7.58 -0.70 45.01
C ALA A 392 6.29 0.01 44.62
N ASP A 393 6.39 1.25 44.16
CA ASP A 393 5.22 1.99 43.71
C ASP A 393 4.61 1.39 42.45
N LEU A 394 5.46 0.89 41.53
CA LEU A 394 4.98 0.21 40.33
C LEU A 394 4.10 -1.00 40.66
N LEU A 395 4.63 -1.93 41.47
CA LEU A 395 3.88 -3.14 41.81
C LEU A 395 2.65 -2.85 42.66
N LYS A 396 2.73 -1.87 43.56
CA LYS A 396 1.56 -1.45 44.31
C LYS A 396 0.50 -0.85 43.39
N GLY A 397 0.89 0.11 42.56
CA GLY A 397 -0.05 0.76 41.65
C GLY A 397 -0.60 -0.15 40.59
N LEU A 398 0.14 -1.19 40.20
CA LEU A 398 -0.38 -2.17 39.26
C LEU A 398 -1.42 -3.08 39.91
N CYS A 399 -1.20 -3.48 41.16
CA CYS A 399 -2.15 -4.34 41.85
C CYS A 399 -3.31 -3.57 42.47
N HIS A 400 -3.08 -2.35 42.95
CA HIS A 400 -4.08 -1.61 43.74
C HIS A 400 -4.29 -0.20 43.21
N PRO A 401 -4.78 -0.05 41.96
CA PRO A 401 -4.90 1.30 41.40
C PRO A 401 -5.97 2.13 42.08
N ARG A 402 -5.68 3.42 42.25
CA ARG A 402 -6.73 4.38 42.56
C ARG A 402 -7.54 4.70 41.32
N VAL A 403 -8.85 4.58 41.43
CA VAL A 403 -9.74 5.04 40.38
C VAL A 403 -10.61 6.14 40.99
N LYS A 404 -10.96 7.13 40.20
CA LYS A 404 -11.75 8.23 40.70
C LYS A 404 -13.03 8.37 39.87
N VAL A 405 -14.12 8.72 40.54
CA VAL A 405 -15.43 8.87 39.92
C VAL A 405 -15.92 10.23 40.37
N GLY A 406 -15.50 11.26 39.65
CA GLY A 406 -15.60 12.62 40.16
C GLY A 406 -14.64 12.85 41.32
N ASN A 407 -15.15 13.43 42.41
CA ASN A 407 -14.35 13.69 43.60
C ASN A 407 -14.14 12.44 44.45
N GLU A 408 -14.96 11.40 44.26
CA GLU A 408 -14.78 10.17 45.02
C GLU A 408 -13.61 9.37 44.47
N TYR A 409 -12.69 8.98 45.36
CA TYR A 409 -11.60 8.07 45.02
C TYR A 409 -11.79 6.74 45.74
N VAL A 410 -11.51 5.63 45.06
CA VAL A 410 -11.50 4.34 45.71
C VAL A 410 -10.43 3.46 45.08
N THR A 411 -9.77 2.65 45.91
CA THR A 411 -8.88 1.61 45.45
C THR A 411 -9.69 0.39 45.04
N LYS A 412 -9.50 -0.10 43.82
CA LYS A 412 -10.05 -1.39 43.43
C LYS A 412 -8.92 -2.41 43.39
N GLY A 413 -9.07 -3.47 44.17
CA GLY A 413 -8.07 -4.53 44.14
C GLY A 413 -8.26 -5.35 42.87
N GLN A 414 -7.17 -5.49 42.11
CA GLN A 414 -7.19 -6.29 40.89
C GLN A 414 -7.04 -7.77 41.20
N ASN A 415 -7.77 -8.60 40.46
CA ASN A 415 -7.49 -10.02 40.40
C ASN A 415 -6.24 -10.30 39.58
N VAL A 416 -5.72 -11.51 39.75
CA VAL A 416 -4.46 -11.93 39.12
C VAL A 416 -4.58 -11.91 37.59
N GLN A 417 -5.71 -12.34 37.05
CA GLN A 417 -5.86 -12.34 35.60
C GLN A 417 -6.01 -10.92 35.03
N GLN A 418 -6.62 -10.00 35.78
CA GLN A 418 -6.83 -8.66 35.26
C GLN A 418 -5.70 -7.68 35.57
N VAL A 419 -4.83 -7.96 36.55
CA VAL A 419 -3.56 -7.23 36.63
C VAL A 419 -2.63 -7.64 35.48
N ILE A 420 -2.66 -8.92 35.06
CA ILE A 420 -1.90 -9.36 33.89
C ILE A 420 -2.36 -8.63 32.63
N TYR A 421 -3.68 -8.51 32.43
CA TYR A 421 -4.22 -7.67 31.36
C TYR A 421 -3.73 -6.23 31.46
N ALA A 422 -3.71 -5.66 32.67
CA ALA A 422 -3.23 -4.30 32.87
C ALA A 422 -1.77 -4.12 32.48
N THR A 423 -0.93 -5.14 32.75
CA THR A 423 0.46 -5.10 32.27
C THR A 423 0.54 -5.18 30.75
N GLY A 424 -0.32 -6.01 30.14
CA GLY A 424 -0.38 -6.07 28.69
C GLY A 424 -0.77 -4.75 28.05
N ALA A 425 -1.86 -4.15 28.54
CA ALA A 425 -2.32 -2.86 28.03
C ALA A 425 -1.28 -1.76 28.17
N LEU A 426 -0.56 -1.74 29.29
CA LEU A 426 0.52 -0.77 29.46
C LEU A 426 1.69 -1.03 28.51
N ALA A 427 2.08 -2.29 28.33
CA ALA A 427 3.17 -2.63 27.41
C ALA A 427 2.85 -2.25 25.97
N LYS A 428 1.64 -2.57 25.50
CA LYS A 428 1.15 -2.09 24.20
C LYS A 428 1.22 -0.58 24.07
N ALA A 429 0.80 0.14 25.13
CA ALA A 429 0.68 1.58 25.06
C ALA A 429 2.04 2.28 25.05
N VAL A 430 3.01 1.77 25.81
CA VAL A 430 4.39 2.27 25.71
C VAL A 430 4.92 2.10 24.31
N TYR A 431 4.75 0.92 23.71
CA TYR A 431 5.26 0.64 22.38
C TYR A 431 4.59 1.50 21.32
N GLU A 432 3.25 1.59 21.34
CA GLU A 432 2.50 2.42 20.41
C GLU A 432 2.91 3.90 20.50
N ARG A 433 2.93 4.45 21.71
CA ARG A 433 3.32 5.84 21.89
C ARG A 433 4.78 6.09 21.53
N MET A 434 5.66 5.11 21.73
CA MET A 434 7.04 5.24 21.28
C MET A 434 7.15 5.20 19.76
N PHE A 435 6.36 4.37 19.10
CA PHE A 435 6.35 4.34 17.64
C PHE A 435 5.77 5.61 17.05
N ASN A 436 4.69 6.14 17.64
CA ASN A 436 4.15 7.43 17.24
C ASN A 436 5.15 8.56 17.45
N TRP A 437 5.85 8.56 18.58
CA TRP A 437 6.90 9.54 18.86
C TRP A 437 8.00 9.51 17.82
N MET A 438 8.49 8.31 17.51
CA MET A 438 9.54 8.10 16.51
C MET A 438 9.15 8.63 15.14
N VAL A 439 7.87 8.46 14.74
CA VAL A 439 7.38 9.07 13.50
C VAL A 439 7.44 10.60 13.57
N THR A 440 6.94 11.19 14.66
CA THR A 440 7.03 12.64 14.82
C THR A 440 8.48 13.12 14.96
N ARG A 441 9.35 12.26 15.49
CA ARG A 441 10.77 12.60 15.56
C ARG A 441 11.44 12.47 14.19
N ILE A 442 11.01 11.52 13.36
CA ILE A 442 11.47 11.47 11.98
C ILE A 442 10.94 12.65 11.18
N ASN A 443 9.71 13.08 11.45
CA ASN A 443 9.17 14.30 10.85
C ASN A 443 9.69 15.57 11.51
N ALA A 444 10.50 15.50 12.56
CA ALA A 444 11.22 16.68 13.02
C ALA A 444 12.44 16.95 12.15
N THR A 445 13.15 15.90 11.74
CA THR A 445 13.93 15.92 10.51
C THR A 445 13.00 15.90 9.29
N LEU A 446 13.58 15.90 8.09
CA LEU A 446 12.90 15.88 6.79
C LEU A 446 12.09 17.13 6.46
N GLU A 447 11.49 17.78 7.45
CA GLU A 447 10.94 19.12 7.27
C GLU A 447 12.10 20.11 7.32
N THR A 448 12.46 20.66 6.16
CA THR A 448 13.69 21.43 6.03
C THR A 448 13.43 22.94 5.90
N LYS A 449 12.17 23.39 5.98
CA LYS A 449 11.76 24.77 5.76
C LYS A 449 12.03 25.35 4.37
N GLN A 450 12.54 24.54 3.43
CA GLN A 450 12.59 24.96 2.04
C GLN A 450 11.16 25.17 1.53
N PRO A 451 10.94 26.16 0.66
CA PRO A 451 9.58 26.37 0.13
C PRO A 451 9.14 25.26 -0.80
N ARG A 452 7.83 25.05 -0.83
CA ARG A 452 7.21 23.96 -1.55
C ARG A 452 5.88 24.44 -2.11
N GLN A 453 5.45 23.81 -3.20
CA GLN A 453 4.20 24.18 -3.84
C GLN A 453 3.34 22.96 -4.11
N TYR A 454 3.97 21.81 -4.35
CA TYR A 454 3.29 20.63 -4.83
C TYR A 454 3.78 19.45 -4.02
N PHE A 455 3.02 18.37 -3.99
CA PHE A 455 3.54 17.14 -3.42
C PHE A 455 3.17 15.96 -4.30
N ILE A 456 3.93 14.87 -4.15
CA ILE A 456 3.56 13.55 -4.63
C ILE A 456 3.39 12.66 -3.41
N GLY A 457 2.17 12.22 -3.17
CA GLY A 457 1.85 11.40 -2.01
C GLY A 457 1.87 9.91 -2.27
N VAL A 458 2.85 9.21 -1.71
CA VAL A 458 3.00 7.77 -1.90
C VAL A 458 2.33 7.06 -0.73
N LEU A 459 1.37 6.20 -1.03
CA LEU A 459 0.58 5.49 -0.01
C LEU A 459 0.96 4.02 -0.01
N ASP A 460 1.23 3.48 1.18
CA ASP A 460 1.46 2.05 1.37
C ASP A 460 0.72 1.64 2.67
N ILE A 461 -0.61 1.52 2.56
CA ILE A 461 -1.41 0.92 3.64
C ILE A 461 -0.95 -0.50 3.96
N ALA A 462 -1.35 -0.98 5.14
CA ALA A 462 -1.27 -2.40 5.44
C ALA A 462 -2.20 -3.17 4.49
N GLY A 463 -1.63 -4.11 3.74
CA GLY A 463 -2.38 -4.80 2.72
C GLY A 463 -3.37 -5.80 3.27
N PHE A 464 -4.22 -6.31 2.38
CA PHE A 464 -5.33 -7.17 2.77
C PHE A 464 -4.82 -8.49 3.32
N GLU A 465 -5.43 -8.93 4.42
CA GLU A 465 -5.01 -10.13 5.12
C GLU A 465 -6.19 -11.05 5.41
N ILE A 466 -5.96 -12.36 5.31
CA ILE A 466 -6.83 -13.38 5.88
C ILE A 466 -5.93 -14.33 6.65
N PHE A 467 -5.98 -14.26 7.98
CA PHE A 467 -5.30 -15.20 8.84
C PHE A 467 -6.22 -16.34 9.24
N ASP A 468 -5.65 -17.33 9.92
CA ASP A 468 -6.45 -18.36 10.57
C ASP A 468 -7.15 -17.84 11.83
N PHE A 469 -6.82 -16.64 12.30
CA PHE A 469 -7.54 -15.99 13.39
C PHE A 469 -7.53 -14.51 13.08
N ASN A 470 -8.68 -13.98 12.64
CA ASN A 470 -8.84 -12.58 12.30
C ASN A 470 -9.52 -11.86 13.45
N SER A 471 -8.99 -10.71 13.83
CA SER A 471 -9.47 -9.95 14.97
C SER A 471 -9.72 -8.51 14.56
N PHE A 472 -9.93 -7.65 15.56
CA PHE A 472 -10.33 -6.26 15.33
C PHE A 472 -9.33 -5.50 14.46
N GLU A 473 -8.03 -5.76 14.63
CA GLU A 473 -7.02 -5.15 13.77
C GLU A 473 -7.10 -5.65 12.33
N GLN A 474 -7.39 -6.94 12.15
CA GLN A 474 -7.64 -7.44 10.80
C GLN A 474 -8.89 -6.83 10.18
N LEU A 475 -9.88 -6.45 11.00
CA LEU A 475 -11.02 -5.71 10.47
C LEU A 475 -10.65 -4.32 10.00
N CYS A 476 -9.85 -3.60 10.79
CA CYS A 476 -9.43 -2.25 10.46
C CYS A 476 -8.60 -2.19 9.16
N ILE A 477 -7.65 -3.10 8.99
CA ILE A 477 -6.84 -3.08 7.77
C ILE A 477 -7.64 -3.53 6.54
N ASN A 478 -8.50 -4.54 6.69
CA ASN A 478 -9.33 -4.98 5.56
C ASN A 478 -10.38 -3.95 5.17
N PHE A 479 -10.93 -3.23 6.15
CA PHE A 479 -11.75 -2.05 5.87
C PHE A 479 -10.97 -0.95 5.15
N THR A 480 -9.72 -0.70 5.56
CA THR A 480 -8.90 0.32 4.93
C THR A 480 -8.58 -0.02 3.47
N ASN A 481 -8.37 -1.30 3.18
CA ASN A 481 -8.17 -1.76 1.81
C ASN A 481 -9.42 -1.59 0.96
N GLU A 482 -10.59 -1.91 1.52
CA GLU A 482 -11.85 -1.76 0.80
C GLU A 482 -12.17 -0.33 0.43
N LYS A 483 -11.89 0.62 1.33
CA LYS A 483 -12.03 2.03 1.02
C LYS A 483 -11.13 2.48 -0.11
N LEU A 484 -9.85 2.07 -0.08
CA LEU A 484 -8.92 2.44 -1.15
C LEU A 484 -9.28 1.77 -2.48
N GLN A 485 -9.91 0.60 -2.46
CA GLN A 485 -10.47 0.04 -3.69
C GLN A 485 -11.63 0.87 -4.21
N GLN A 486 -12.53 1.31 -3.32
CA GLN A 486 -13.63 2.15 -3.76
C GLN A 486 -13.15 3.52 -4.23
N PHE A 487 -12.02 4.00 -3.72
CA PHE A 487 -11.39 5.18 -4.29
C PHE A 487 -11.00 4.96 -5.75
N PHE A 488 -10.39 3.81 -6.05
CA PHE A 488 -10.10 3.44 -7.43
C PHE A 488 -11.37 3.31 -8.26
N ASN A 489 -12.37 2.58 -7.74
CA ASN A 489 -13.62 2.37 -8.45
C ASN A 489 -14.34 3.67 -8.76
N HIS A 490 -14.44 4.56 -7.79
CA HIS A 490 -15.12 5.84 -8.00
C HIS A 490 -14.38 6.72 -8.99
N HIS A 491 -13.07 6.83 -8.85
CA HIS A 491 -12.24 7.59 -9.78
C HIS A 491 -12.32 7.05 -11.21
N MET A 492 -12.12 5.74 -11.37
CA MET A 492 -12.06 5.16 -12.72
C MET A 492 -13.43 5.06 -13.39
N PHE A 493 -14.47 4.71 -12.66
CA PHE A 493 -15.73 4.33 -13.29
C PHE A 493 -16.87 5.30 -13.05
N VAL A 494 -16.87 6.02 -11.94
CA VAL A 494 -18.00 6.89 -11.63
C VAL A 494 -17.64 8.33 -11.98
N LEU A 495 -16.62 8.87 -11.29
CA LEU A 495 -16.18 10.25 -11.50
C LEU A 495 -15.68 10.50 -12.92
N GLU A 496 -15.09 9.49 -13.56
CA GLU A 496 -14.69 9.60 -14.96
C GLU A 496 -15.88 9.82 -15.88
N GLN A 497 -16.90 8.99 -15.75
CA GLN A 497 -18.08 9.06 -16.61
C GLN A 497 -19.01 10.22 -16.28
N GLU A 498 -18.96 10.73 -15.05
CA GLU A 498 -19.65 11.99 -14.73
C GLU A 498 -19.11 13.15 -15.54
N GLU A 499 -17.79 13.20 -15.75
CA GLU A 499 -17.17 14.29 -16.50
C GLU A 499 -17.54 14.27 -17.99
N TYR A 500 -17.70 13.07 -18.58
CA TYR A 500 -18.19 12.97 -19.96
C TYR A 500 -19.58 13.57 -20.11
N LYS A 501 -20.50 13.23 -19.20
CA LYS A 501 -21.84 13.80 -19.23
C LYS A 501 -21.84 15.28 -18.84
N LYS A 502 -20.97 15.68 -17.90
CA LYS A 502 -20.87 17.09 -17.50
C LYS A 502 -20.41 17.98 -18.65
N GLU A 503 -19.36 17.57 -19.36
CA GLU A 503 -18.83 18.33 -20.48
C GLU A 503 -19.64 18.16 -21.76
N GLY A 504 -20.68 17.33 -21.74
CA GLY A 504 -21.53 17.17 -22.90
C GLY A 504 -20.97 16.29 -23.98
N ILE A 505 -20.04 15.40 -23.65
CA ILE A 505 -19.55 14.43 -24.60
C ILE A 505 -20.66 13.42 -24.88
N GLU A 506 -20.72 12.93 -26.12
CA GLU A 506 -21.66 11.88 -26.48
C GLU A 506 -21.26 10.56 -25.83
N TRP A 507 -21.73 10.32 -24.61
CA TRP A 507 -21.43 9.14 -23.84
C TRP A 507 -22.72 8.59 -23.25
N THR A 508 -22.91 7.28 -23.34
CA THR A 508 -23.98 6.58 -22.64
C THR A 508 -23.38 5.72 -21.55
N PHE A 509 -23.87 5.92 -20.32
CA PHE A 509 -23.28 5.38 -19.10
C PHE A 509 -23.17 3.86 -19.14
N ILE A 510 -21.98 3.35 -18.83
CA ILE A 510 -21.70 1.92 -18.75
C ILE A 510 -21.62 1.54 -17.28
N ASP A 511 -22.35 0.50 -16.88
CA ASP A 511 -22.25 -0.04 -15.54
C ASP A 511 -21.19 -1.14 -15.53
N PHE A 512 -20.06 -0.85 -14.89
CA PHE A 512 -18.99 -1.85 -14.75
C PHE A 512 -19.21 -2.81 -13.59
N GLY A 513 -20.19 -2.56 -12.72
CA GLY A 513 -20.43 -3.39 -11.55
C GLY A 513 -19.40 -3.31 -10.44
N MET A 514 -18.34 -2.54 -10.62
CA MET A 514 -17.31 -2.32 -9.60
C MET A 514 -17.81 -1.30 -8.58
N ASP A 515 -18.59 -1.77 -7.62
CA ASP A 515 -19.04 -0.93 -6.52
C ASP A 515 -19.04 -1.71 -5.21
N LEU A 516 -18.64 -1.03 -4.14
CA LEU A 516 -18.42 -1.64 -2.85
C LEU A 516 -19.11 -0.95 -1.69
N GLN A 517 -19.91 0.09 -1.98
CA GLN A 517 -20.50 0.95 -0.95
C GLN A 517 -21.39 0.19 0.04
N ALA A 518 -22.01 -0.92 -0.40
CA ALA A 518 -22.79 -1.76 0.51
C ALA A 518 -21.96 -2.29 1.68
N CYS A 519 -20.72 -2.69 1.41
CA CYS A 519 -19.87 -3.24 2.47
C CYS A 519 -19.16 -2.16 3.29
N ILE A 520 -18.88 -1.00 2.69
CA ILE A 520 -18.38 0.13 3.46
C ILE A 520 -19.46 0.71 4.36
N ASP A 521 -20.71 0.77 3.90
CA ASP A 521 -21.82 1.24 4.73
C ASP A 521 -22.07 0.30 5.91
N LEU A 522 -21.92 -1.01 5.69
CA LEU A 522 -22.01 -1.98 6.77
C LEU A 522 -21.02 -1.71 7.90
N ILE A 523 -19.90 -1.06 7.61
CA ILE A 523 -18.88 -0.76 8.60
C ILE A 523 -18.94 0.69 9.07
N GLU A 524 -19.01 1.65 8.14
CA GLU A 524 -18.92 3.08 8.49
C GLU A 524 -20.19 3.67 9.09
N LYS A 525 -21.36 3.38 8.51
CA LYS A 525 -22.58 4.14 8.76
C LYS A 525 -23.03 4.05 10.24
N PRO A 526 -23.86 5.04 10.73
CA PRO A 526 -24.22 5.06 12.15
C PRO A 526 -25.18 4.00 12.66
N MET A 527 -25.22 2.84 12.01
CA MET A 527 -25.79 1.66 12.63
C MET A 527 -24.91 0.44 12.34
N GLY A 528 -23.81 0.64 11.62
CA GLY A 528 -22.93 -0.42 11.19
C GLY A 528 -22.04 -0.96 12.30
N ILE A 529 -21.26 -1.98 11.92
CA ILE A 529 -20.42 -2.79 12.83
C ILE A 529 -19.58 -1.94 13.77
N MET A 530 -18.82 -0.98 13.22
CA MET A 530 -18.02 -0.12 14.08
C MET A 530 -18.87 0.83 14.91
N SER A 531 -19.98 1.32 14.36
CA SER A 531 -20.89 2.19 15.11
C SER A 531 -21.55 1.47 16.28
N ILE A 532 -21.69 0.15 16.22
CA ILE A 532 -22.14 -0.59 17.39
C ILE A 532 -21.02 -0.65 18.43
N LEU A 533 -19.78 -0.90 18.00
CA LEU A 533 -18.63 -0.88 18.92
C LEU A 533 -18.48 0.42 19.70
N GLU A 534 -18.70 1.58 19.04
CA GLU A 534 -18.49 2.84 19.76
C GLU A 534 -19.53 3.11 20.84
N GLU A 535 -20.69 2.46 20.77
CA GLU A 535 -21.65 2.56 21.87
C GLU A 535 -21.62 1.38 22.82
N GLU A 536 -21.31 0.16 22.34
CA GLU A 536 -21.21 -0.98 23.25
C GLU A 536 -19.98 -0.94 24.15
N CYS A 537 -18.94 -0.18 23.81
CA CYS A 537 -17.85 0.09 24.75
C CYS A 537 -18.25 1.06 25.86
N MET A 538 -19.33 1.83 25.68
CA MET A 538 -19.74 2.81 26.68
C MET A 538 -20.51 2.21 27.84
N PHE A 539 -21.42 1.27 27.58
CA PHE A 539 -22.17 0.60 28.64
C PHE A 539 -21.23 -0.25 29.49
N PRO A 540 -21.04 0.08 30.78
CA PRO A 540 -20.01 -0.61 31.59
C PRO A 540 -20.23 -2.10 31.79
N LYS A 541 -21.46 -2.58 31.69
CA LYS A 541 -21.75 -3.99 31.92
C LYS A 541 -22.00 -4.75 30.62
N ALA A 542 -21.69 -4.13 29.48
CA ALA A 542 -21.70 -4.84 28.21
C ALA A 542 -20.61 -5.90 28.16
N THR A 543 -20.82 -6.91 27.33
CA THR A 543 -19.91 -8.03 27.14
C THR A 543 -19.83 -8.35 25.66
N ASP A 544 -18.80 -9.12 25.29
CA ASP A 544 -18.61 -9.51 23.90
C ASP A 544 -19.75 -10.36 23.35
N MET A 545 -20.42 -11.16 24.19
CA MET A 545 -21.61 -11.86 23.72
C MET A 545 -22.82 -10.94 23.61
N THR A 546 -22.90 -9.91 24.44
CA THR A 546 -23.91 -8.87 24.26
C THR A 546 -23.70 -8.13 22.94
N PHE A 547 -22.45 -7.77 22.64
CA PHE A 547 -22.08 -7.17 21.36
C PHE A 547 -22.45 -8.05 20.17
N LYS A 548 -22.04 -9.33 20.19
CA LYS A 548 -22.35 -10.27 19.11
C LYS A 548 -23.85 -10.42 18.88
N ALA A 549 -24.65 -10.43 19.95
CA ALA A 549 -26.09 -10.47 19.79
C ALA A 549 -26.62 -9.23 19.10
N LYS A 550 -26.23 -8.05 19.59
CA LYS A 550 -26.67 -6.78 19.00
C LYS A 550 -26.18 -6.60 17.57
N LEU A 551 -24.96 -7.07 17.29
CA LEU A 551 -24.41 -7.05 15.94
C LEU A 551 -25.24 -7.88 14.96
N PHE A 552 -25.55 -9.13 15.33
CA PHE A 552 -26.42 -9.98 14.51
C PHE A 552 -27.82 -9.43 14.35
N ASP A 553 -28.42 -8.92 15.43
CA ASP A 553 -29.77 -8.39 15.37
C ASP A 553 -29.90 -7.21 14.41
N ASN A 554 -28.88 -6.35 14.36
CA ASN A 554 -28.93 -5.21 13.44
C ASN A 554 -28.68 -5.62 11.99
N HIS A 555 -27.82 -6.61 11.74
CA HIS A 555 -27.31 -6.81 10.38
C HIS A 555 -27.61 -8.16 9.74
N LEU A 556 -27.74 -9.25 10.49
CA LEU A 556 -28.00 -10.55 9.88
C LEU A 556 -29.37 -10.56 9.21
N GLY A 557 -29.39 -10.82 7.91
CA GLY A 557 -30.55 -10.68 7.06
C GLY A 557 -30.90 -9.26 6.68
N LYS A 558 -30.10 -8.27 7.08
CA LYS A 558 -30.33 -6.88 6.72
C LYS A 558 -29.16 -6.23 6.01
N SER A 559 -28.01 -6.89 5.93
CA SER A 559 -26.95 -6.49 5.01
C SER A 559 -26.45 -7.74 4.29
N ALA A 560 -26.29 -7.64 2.97
CA ALA A 560 -25.87 -8.78 2.17
C ALA A 560 -24.42 -9.16 2.39
N ASN A 561 -23.57 -8.25 2.87
CA ASN A 561 -22.18 -8.56 3.12
C ASN A 561 -21.92 -9.08 4.53
N PHE A 562 -22.90 -9.05 5.41
CA PHE A 562 -22.79 -9.59 6.75
C PHE A 562 -23.43 -10.97 6.76
N GLN A 563 -22.65 -12.00 7.07
CA GLN A 563 -23.09 -13.38 6.99
C GLN A 563 -22.77 -14.09 8.29
N LYS A 564 -23.38 -15.26 8.47
CA LYS A 564 -23.06 -16.08 9.61
C LYS A 564 -21.68 -16.70 9.39
N PRO A 565 -20.96 -17.04 10.46
CA PRO A 565 -19.63 -17.62 10.25
C PRO A 565 -19.73 -19.03 9.69
N ARG A 566 -18.74 -19.39 8.89
CA ARG A 566 -18.58 -20.72 8.35
C ARG A 566 -17.36 -21.39 8.99
N ASN A 567 -17.58 -21.89 10.21
CA ASN A 567 -16.51 -22.54 10.96
C ASN A 567 -16.19 -23.92 10.42
N ILE A 568 -15.08 -24.05 9.72
CA ILE A 568 -14.64 -25.38 9.29
C ILE A 568 -13.92 -26.00 10.48
N LYS A 569 -13.91 -27.33 10.55
CA LYS A 569 -13.19 -28.00 11.65
C LYS A 569 -11.69 -27.76 11.57
N GLY A 570 -11.07 -27.75 12.75
CA GLY A 570 -9.65 -27.52 12.95
C GLY A 570 -9.26 -26.06 13.01
N LYS A 571 -9.88 -25.21 12.20
CA LYS A 571 -9.60 -23.77 12.30
C LYS A 571 -10.27 -23.26 13.58
N PRO A 572 -9.79 -22.14 14.16
CA PRO A 572 -10.47 -21.61 15.37
C PRO A 572 -11.89 -21.12 15.16
N GLU A 573 -12.50 -20.69 16.27
CA GLU A 573 -13.87 -20.17 16.26
C GLU A 573 -13.92 -18.72 15.80
N ALA A 574 -14.86 -18.41 14.91
CA ALA A 574 -15.07 -17.08 14.40
C ALA A 574 -16.55 -16.75 14.60
N HIS A 575 -16.85 -15.49 14.87
CA HIS A 575 -18.20 -15.10 15.23
C HIS A 575 -19.00 -14.34 14.18
N PHE A 576 -18.38 -13.78 13.14
CA PHE A 576 -19.13 -13.50 11.91
C PHE A 576 -18.20 -13.50 10.72
N SER A 577 -18.80 -13.43 9.52
CA SER A 577 -18.10 -13.46 8.25
C SER A 577 -18.48 -12.26 7.41
N LEU A 578 -17.50 -11.54 6.87
CA LEU A 578 -17.74 -10.43 5.95
C LEU A 578 -17.40 -10.77 4.52
N ILE A 579 -18.23 -10.30 3.58
CA ILE A 579 -17.98 -10.52 2.16
C ILE A 579 -17.20 -9.34 1.62
N HIS A 580 -15.92 -9.23 1.99
CA HIS A 580 -15.04 -8.22 1.41
C HIS A 580 -14.86 -8.43 -0.09
N TYR A 581 -14.36 -7.38 -0.75
CA TYR A 581 -14.00 -7.43 -2.16
C TYR A 581 -12.94 -8.50 -2.45
N ALA A 582 -11.89 -8.59 -1.62
CA ALA A 582 -10.81 -9.52 -1.87
C ALA A 582 -11.05 -10.90 -1.29
N GLY A 583 -12.22 -11.16 -0.72
CA GLY A 583 -12.55 -12.48 -0.24
C GLY A 583 -13.30 -12.45 1.07
N ILE A 584 -13.96 -13.58 1.37
CA ILE A 584 -14.71 -13.74 2.59
C ILE A 584 -13.76 -13.89 3.77
N VAL A 585 -13.94 -13.06 4.80
CA VAL A 585 -13.08 -13.01 5.99
C VAL A 585 -13.89 -13.29 7.23
N ASP A 586 -13.45 -14.27 8.02
CA ASP A 586 -14.17 -14.75 9.20
C ASP A 586 -13.52 -14.23 10.49
N TYR A 587 -14.26 -13.43 11.26
CA TYR A 587 -13.82 -12.59 12.37
C TYR A 587 -14.25 -13.10 13.73
N ASN A 588 -13.33 -13.08 14.68
CA ASN A 588 -13.54 -13.50 16.06
C ASN A 588 -13.71 -12.28 16.96
N ILE A 589 -14.80 -12.23 17.72
CA ILE A 589 -15.25 -11.07 18.50
C ILE A 589 -14.59 -10.90 19.86
N ILE A 590 -13.91 -11.94 20.39
CA ILE A 590 -13.37 -11.93 21.75
C ILE A 590 -12.35 -10.81 21.94
N GLY A 591 -12.62 -9.93 22.91
CA GLY A 591 -11.75 -8.85 23.29
C GLY A 591 -11.99 -7.52 22.60
N TRP A 592 -12.93 -7.43 21.65
CA TRP A 592 -13.09 -6.25 20.81
C TRP A 592 -13.54 -5.02 21.59
N LEU A 593 -14.36 -5.17 22.62
CA LEU A 593 -14.75 -4.04 23.44
C LEU A 593 -13.58 -3.47 24.22
N GLN A 594 -12.73 -4.35 24.75
CA GLN A 594 -11.51 -3.94 25.43
C GLN A 594 -10.53 -3.27 24.46
N LYS A 595 -10.31 -3.91 23.30
CA LYS A 595 -9.44 -3.37 22.26
C LYS A 595 -9.91 -2.01 21.76
N ASN A 596 -11.22 -1.82 21.61
CA ASN A 596 -11.74 -0.55 21.13
C ASN A 596 -11.65 0.54 22.18
N LYS A 597 -11.91 0.20 23.44
CA LYS A 597 -11.93 1.22 24.50
C LYS A 597 -10.52 1.58 24.97
N ASP A 598 -9.61 0.61 24.98
CA ASP A 598 -8.24 0.77 25.45
C ASP A 598 -8.08 1.43 26.83
N PRO A 599 -8.62 0.83 27.90
CA PRO A 599 -8.43 1.42 29.24
C PRO A 599 -7.05 1.13 29.84
N LEU A 600 -6.27 2.19 30.07
CA LEU A 600 -5.04 1.99 30.80
C LEU A 600 -5.27 2.19 32.29
N ASN A 601 -4.42 1.57 33.10
CA ASN A 601 -4.35 1.83 34.53
C ASN A 601 -3.85 3.26 34.69
N GLU A 602 -4.72 4.18 35.11
CA GLU A 602 -4.34 5.59 35.26
C GLU A 602 -3.35 5.83 36.39
N THR A 603 -3.27 4.95 37.38
CA THR A 603 -2.29 5.13 38.45
C THR A 603 -0.87 4.89 37.95
N VAL A 604 -0.65 3.80 37.20
CA VAL A 604 0.67 3.50 36.66
C VAL A 604 1.04 4.48 35.56
N VAL A 605 0.08 4.91 34.76
CA VAL A 605 0.31 6.00 33.80
C VAL A 605 0.68 7.29 34.52
N GLY A 606 0.18 7.50 35.74
CA GLY A 606 0.66 8.59 36.56
C GLY A 606 2.10 8.44 37.01
N LEU A 607 2.54 7.19 37.22
CA LEU A 607 3.96 6.94 37.48
C LEU A 607 4.81 7.19 36.23
N TYR A 608 4.30 6.81 35.06
CA TYR A 608 4.99 7.06 33.79
C TYR A 608 5.24 8.55 33.54
N GLN A 609 4.25 9.40 33.80
CA GLN A 609 4.45 10.84 33.68
C GLN A 609 5.55 11.36 34.60
N LYS A 610 5.70 10.76 35.78
CA LYS A 610 6.75 11.10 36.74
C LYS A 610 8.05 10.32 36.54
N SER A 611 8.19 9.57 35.45
CA SER A 611 9.41 8.79 35.19
C SER A 611 10.66 9.66 35.11
N SER A 612 11.77 9.12 35.60
CA SER A 612 13.06 9.77 35.42
C SER A 612 13.58 9.66 34.00
N LEU A 613 13.12 8.67 33.22
CA LEU A 613 13.51 8.52 31.83
C LEU A 613 12.76 9.56 31.02
N LYS A 614 13.49 10.51 30.43
CA LYS A 614 12.92 11.66 29.74
C LYS A 614 12.02 11.27 28.57
N LEU A 615 12.29 10.13 27.94
CA LEU A 615 11.41 9.64 26.88
C LEU A 615 10.05 9.21 27.42
N LEU A 616 10.03 8.38 28.48
CA LEU A 616 8.78 7.80 28.97
C LEU A 616 7.85 8.86 29.55
N SER A 617 8.40 9.90 30.19
CA SER A 617 7.59 11.03 30.63
C SER A 617 7.01 11.80 29.44
N THR A 618 7.73 11.86 28.33
CA THR A 618 7.24 12.53 27.13
C THR A 618 6.11 11.76 26.45
N LEU A 619 6.23 10.43 26.38
CA LEU A 619 5.25 9.59 25.69
C LEU A 619 3.85 9.73 26.29
N PHE A 620 3.76 9.88 27.61
CA PHE A 620 2.45 9.95 28.26
C PHE A 620 2.10 11.36 28.74
N ALA A 621 2.80 12.37 28.23
CA ALA A 621 2.43 13.76 28.45
C ALA A 621 1.10 14.04 27.76
N ASN A 622 0.07 14.34 28.55
CA ASN A 622 -1.32 14.57 28.12
C ASN A 622 -1.96 13.27 27.67
N TYR A 623 -2.35 12.38 28.58
CA TYR A 623 -3.10 11.21 28.11
C TYR A 623 -4.44 11.17 28.83
N PHE A 643 -16.22 7.83 23.09
CA PHE A 643 -15.81 9.23 23.07
C PHE A 643 -14.75 9.47 21.98
N GLN A 644 -13.66 8.70 22.01
CA GLN A 644 -12.63 8.75 20.98
C GLN A 644 -11.96 7.37 20.96
N THR A 645 -12.77 6.35 20.81
CA THR A 645 -12.30 4.98 20.71
C THR A 645 -11.49 4.78 19.44
N VAL A 646 -10.64 3.76 19.44
CA VAL A 646 -9.70 3.56 18.35
C VAL A 646 -10.37 3.20 17.02
N SER A 647 -11.58 2.62 17.03
CA SER A 647 -12.33 2.48 15.78
C SER A 647 -12.80 3.83 15.25
N ALA A 648 -13.28 4.69 16.14
CA ALA A 648 -13.73 6.03 15.75
C ALA A 648 -12.58 6.88 15.24
N LEU A 649 -11.45 6.85 15.95
CA LEU A 649 -10.24 7.53 15.48
C LEU A 649 -9.76 7.01 14.14
N HIS A 650 -9.79 5.69 13.94
CA HIS A 650 -9.38 5.10 12.67
C HIS A 650 -10.29 5.55 11.53
N ARG A 651 -11.60 5.46 11.73
CA ARG A 651 -12.56 5.86 10.71
C ARG A 651 -12.44 7.33 10.33
N GLU A 652 -12.22 8.21 11.31
CA GLU A 652 -12.06 9.62 10.96
C GLU A 652 -10.69 9.94 10.35
N ASN A 653 -9.62 9.25 10.77
CA ASN A 653 -8.33 9.38 10.09
C ASN A 653 -8.37 8.90 8.65
N LEU A 654 -9.10 7.82 8.41
CA LEU A 654 -9.22 7.29 7.05
C LEU A 654 -10.13 8.16 6.19
N ASN A 655 -11.16 8.76 6.77
CA ASN A 655 -11.99 9.71 6.04
C ASN A 655 -11.29 11.04 5.80
N LYS A 656 -10.45 11.47 6.75
CA LYS A 656 -9.58 12.62 6.52
C LYS A 656 -8.63 12.39 5.35
N LEU A 657 -7.98 11.22 5.33
CA LEU A 657 -7.07 10.81 4.26
C LEU A 657 -7.72 10.91 2.88
N MET A 658 -8.82 10.19 2.66
CA MET A 658 -9.38 10.11 1.32
C MET A 658 -10.08 11.38 0.85
N THR A 659 -10.53 12.27 1.74
CA THR A 659 -10.93 13.60 1.28
C THR A 659 -9.74 14.38 0.77
N ASN A 660 -8.61 14.34 1.48
CA ASN A 660 -7.39 14.98 1.01
C ASN A 660 -6.83 14.27 -0.22
N LEU A 661 -7.13 13.00 -0.39
CA LEU A 661 -6.59 12.22 -1.50
C LEU A 661 -7.36 12.48 -2.79
N ARG A 662 -8.67 12.78 -2.69
CA ARG A 662 -9.48 13.22 -3.82
C ARG A 662 -9.02 14.55 -4.41
N SER A 663 -8.30 15.37 -3.65
CA SER A 663 -7.75 16.62 -4.13
C SER A 663 -6.40 16.45 -4.83
N THR A 664 -6.15 15.28 -5.40
CA THR A 664 -4.90 14.95 -6.07
C THR A 664 -5.23 14.21 -7.35
N HIS A 665 -4.25 14.14 -8.25
CA HIS A 665 -4.34 13.24 -9.39
C HIS A 665 -3.74 11.89 -9.01
N PRO A 666 -4.54 10.82 -8.95
CA PRO A 666 -4.00 9.53 -8.49
C PRO A 666 -3.41 8.66 -9.59
N HIS A 667 -2.26 8.06 -9.29
CA HIS A 667 -1.67 7.01 -10.11
C HIS A 667 -1.68 5.72 -9.33
N PHE A 668 -2.29 4.69 -9.89
CA PHE A 668 -2.42 3.41 -9.24
C PHE A 668 -1.34 2.44 -9.71
N VAL A 669 -0.82 1.65 -8.77
CA VAL A 669 0.11 0.56 -9.04
C VAL A 669 -0.49 -0.70 -8.42
N ARG A 670 -0.89 -1.65 -9.25
CA ARG A 670 -1.47 -2.90 -8.78
C ARG A 670 -0.35 -3.91 -8.54
N CYS A 671 -0.01 -4.13 -7.27
CA CYS A 671 0.95 -5.16 -6.93
C CYS A 671 0.28 -6.52 -6.83
N ILE A 672 0.80 -7.49 -7.57
CA ILE A 672 0.26 -8.85 -7.63
C ILE A 672 1.26 -9.81 -7.01
N ILE A 673 0.84 -10.53 -5.98
CA ILE A 673 1.59 -11.71 -5.52
C ILE A 673 1.25 -12.89 -6.42
N PRO A 674 2.24 -13.47 -7.12
CA PRO A 674 1.93 -14.51 -8.09
C PRO A 674 1.71 -15.88 -7.47
N ASN A 675 2.11 -16.07 -6.21
CA ASN A 675 2.40 -17.41 -5.74
C ASN A 675 2.39 -17.36 -4.22
N GLU A 676 1.73 -18.33 -3.59
CA GLU A 676 1.72 -18.40 -2.13
C GLU A 676 3.04 -18.87 -1.53
N THR A 677 3.77 -19.76 -2.18
CA THR A 677 4.93 -20.41 -1.56
C THR A 677 6.21 -19.55 -1.59
N LYS A 678 6.13 -18.29 -2.03
CA LYS A 678 7.27 -17.36 -2.14
C LYS A 678 8.40 -17.85 -3.04
N SER A 679 8.08 -18.69 -4.03
CA SER A 679 9.19 -19.18 -4.83
C SER A 679 9.31 -18.39 -6.12
N PRO A 680 10.53 -18.02 -6.52
CA PRO A 680 10.68 -17.02 -7.58
C PRO A 680 10.39 -17.57 -8.97
N GLY A 681 9.70 -16.75 -9.77
CA GLY A 681 9.33 -17.08 -11.13
C GLY A 681 8.15 -18.02 -11.27
N VAL A 682 7.81 -18.76 -10.22
CA VAL A 682 6.60 -19.57 -10.20
C VAL A 682 5.39 -18.66 -10.07
N MET A 683 4.34 -18.94 -10.84
CA MET A 683 3.17 -18.10 -10.90
C MET A 683 1.95 -19.00 -11.02
N ASP A 684 0.98 -18.79 -10.13
CA ASP A 684 -0.25 -19.57 -10.10
C ASP A 684 -1.37 -18.77 -10.74
N ASN A 685 -1.96 -19.33 -11.80
CA ASN A 685 -3.03 -18.63 -12.51
C ASN A 685 -4.30 -18.35 -11.70
N PRO A 686 -4.84 -19.24 -10.83
CA PRO A 686 -6.03 -18.83 -10.05
C PRO A 686 -5.78 -17.69 -9.07
N LEU A 687 -4.64 -17.71 -8.37
CA LEU A 687 -4.31 -16.67 -7.41
C LEU A 687 -4.05 -15.32 -8.09
N VAL A 688 -3.45 -15.33 -9.28
CA VAL A 688 -3.28 -14.10 -10.04
C VAL A 688 -4.61 -13.57 -10.55
N MET A 689 -5.43 -14.45 -11.12
CA MET A 689 -6.74 -14.04 -11.64
C MET A 689 -7.66 -13.51 -10.56
N HIS A 690 -7.61 -14.08 -9.35
CA HIS A 690 -8.36 -13.54 -8.22
C HIS A 690 -8.00 -12.09 -7.93
N GLN A 691 -6.71 -11.77 -7.96
CA GLN A 691 -6.29 -10.39 -7.74
C GLN A 691 -6.59 -9.47 -8.91
N LEU A 692 -6.51 -9.97 -10.14
CA LEU A 692 -6.89 -9.15 -11.29
C LEU A 692 -8.38 -8.82 -11.31
N ARG A 693 -9.22 -9.79 -10.94
CA ARG A 693 -10.67 -9.58 -10.89
C ARG A 693 -11.06 -8.58 -9.81
N CYS A 694 -10.69 -8.85 -8.55
CA CYS A 694 -11.14 -8.01 -7.45
C CYS A 694 -10.52 -6.63 -7.44
N ASN A 695 -9.35 -6.44 -8.04
CA ASN A 695 -8.81 -5.10 -8.23
C ASN A 695 -9.39 -4.37 -9.43
N GLY A 696 -10.35 -4.95 -10.13
CA GLY A 696 -10.97 -4.33 -11.29
C GLY A 696 -10.03 -3.96 -12.41
N VAL A 697 -8.97 -4.75 -12.61
CA VAL A 697 -7.91 -4.39 -13.54
C VAL A 697 -8.42 -4.40 -14.98
N LEU A 698 -9.17 -5.44 -15.35
CA LEU A 698 -9.75 -5.55 -16.69
C LEU A 698 -10.71 -4.41 -17.00
N GLU A 699 -11.60 -4.10 -16.05
CA GLU A 699 -12.51 -2.96 -16.20
C GLU A 699 -11.78 -1.64 -16.32
N GLY A 700 -10.72 -1.45 -15.52
CA GLY A 700 -9.91 -0.25 -15.60
C GLY A 700 -9.21 -0.04 -16.94
N ILE A 701 -8.88 -1.13 -17.63
CA ILE A 701 -8.35 -1.00 -18.99
C ILE A 701 -9.47 -0.67 -19.98
N ARG A 702 -10.62 -1.34 -19.84
CA ARG A 702 -11.75 -1.16 -20.76
C ARG A 702 -12.27 0.28 -20.79
N ILE A 703 -12.33 0.95 -19.64
CA ILE A 703 -12.71 2.36 -19.63
C ILE A 703 -11.64 3.22 -20.34
N CYS A 704 -10.38 2.80 -20.32
CA CYS A 704 -9.36 3.52 -21.08
C CYS A 704 -9.51 3.31 -22.59
N ARG A 705 -9.84 2.11 -23.02
CA ARG A 705 -10.05 1.86 -24.45
C ARG A 705 -11.36 2.46 -24.95
N LYS A 706 -12.44 2.31 -24.18
CA LYS A 706 -13.74 2.84 -24.61
C LYS A 706 -13.83 4.35 -24.45
N GLY A 707 -13.38 4.88 -23.33
CA GLY A 707 -13.58 6.27 -22.98
C GLY A 707 -12.57 7.22 -23.59
N PHE A 708 -12.37 8.34 -22.89
CA PHE A 708 -11.50 9.42 -23.34
C PHE A 708 -10.55 9.73 -22.18
N PRO A 709 -9.54 8.87 -21.96
CA PRO A 709 -8.76 8.95 -20.71
C PRO A 709 -7.89 10.19 -20.57
N ASN A 710 -7.57 10.86 -21.66
CA ASN A 710 -6.77 12.08 -21.62
C ASN A 710 -7.64 13.26 -22.02
N ARG A 711 -7.44 14.39 -21.36
CA ARG A 711 -8.26 15.58 -21.60
C ARG A 711 -7.60 16.83 -21.05
N ILE A 712 -7.78 17.94 -21.76
CA ILE A 712 -7.05 19.18 -21.54
C ILE A 712 -8.05 20.32 -21.73
N LEU A 713 -7.99 21.33 -20.86
CA LEU A 713 -8.71 22.58 -21.06
C LEU A 713 -8.21 23.26 -22.32
N TYR A 714 -9.12 23.90 -23.06
CA TYR A 714 -8.78 24.57 -24.31
C TYR A 714 -7.71 25.65 -24.13
N GLY A 715 -7.73 26.34 -22.99
CA GLY A 715 -6.69 27.30 -22.69
C GLY A 715 -5.33 26.64 -22.51
N ASP A 716 -5.28 25.53 -21.77
CA ASP A 716 -4.04 24.77 -21.62
C ASP A 716 -3.65 24.03 -22.89
N PHE A 717 -4.62 23.57 -23.68
CA PHE A 717 -4.31 22.93 -24.96
C PHE A 717 -3.66 23.90 -25.93
N ARG A 718 -4.24 25.09 -26.10
CA ARG A 718 -3.63 26.13 -26.92
C ARG A 718 -2.26 26.54 -26.39
N GLN A 719 -2.13 26.67 -25.06
CA GLN A 719 -0.86 27.04 -24.44
C GLN A 719 0.24 26.04 -24.76
N ARG A 720 -0.07 24.75 -24.72
CA ARG A 720 0.93 23.71 -24.92
C ARG A 720 1.25 23.44 -26.39
N TYR A 721 0.22 23.30 -27.23
CA TYR A 721 0.38 22.71 -28.56
C TYR A 721 0.33 23.69 -29.73
N ARG A 722 0.21 25.00 -29.49
CA ARG A 722 0.31 25.98 -30.57
C ARG A 722 1.61 25.86 -31.36
N ILE A 723 2.70 25.44 -30.71
CA ILE A 723 3.99 25.20 -31.35
C ILE A 723 3.95 24.12 -32.43
N LEU A 724 2.91 23.28 -32.47
CA LEU A 724 2.78 22.28 -33.51
C LEU A 724 2.34 22.90 -34.83
N ASN A 725 1.61 24.01 -34.79
CA ASN A 725 1.23 24.75 -36.00
C ASN A 725 0.97 26.21 -35.66
N PRO A 726 2.01 27.04 -35.47
CA PRO A 726 1.81 28.45 -35.08
C PRO A 726 0.97 29.29 -36.03
N ALA A 727 0.80 28.88 -37.29
CA ALA A 727 -0.01 29.61 -38.24
C ALA A 727 -1.51 29.36 -38.04
N ALA A 728 -1.87 28.32 -37.30
CA ALA A 728 -3.27 27.96 -37.08
C ALA A 728 -3.98 28.97 -36.19
N ILE A 729 -3.27 29.61 -35.25
CA ILE A 729 -3.90 30.44 -34.23
C ILE A 729 -3.13 31.76 -34.12
N PRO A 730 -3.28 32.67 -35.08
CA PRO A 730 -2.53 33.93 -35.04
C PRO A 730 -2.98 34.82 -33.89
N GLU A 731 -2.03 35.25 -33.07
CA GLU A 731 -2.36 35.98 -31.86
C GLU A 731 -2.28 37.49 -32.09
N GLY A 732 -2.69 38.22 -31.06
CA GLY A 732 -2.88 39.66 -31.10
C GLY A 732 -4.29 40.08 -31.46
N GLN A 733 -4.92 39.38 -32.41
CA GLN A 733 -6.37 39.30 -32.46
C GLN A 733 -6.88 38.49 -31.27
N PHE A 734 -8.07 38.86 -30.77
CA PHE A 734 -8.75 38.01 -29.78
C PHE A 734 -9.35 36.78 -30.44
N ILE A 735 -9.23 35.64 -29.77
CA ILE A 735 -9.93 34.44 -30.22
C ILE A 735 -10.37 33.64 -29.00
N ASP A 736 -11.55 33.05 -29.08
CA ASP A 736 -12.01 32.16 -28.03
C ASP A 736 -11.21 30.86 -28.07
N SER A 737 -10.92 30.33 -26.88
CA SER A 737 -10.03 29.18 -26.73
C SER A 737 -10.57 27.94 -27.43
N ARG A 738 -11.89 27.72 -27.32
CA ARG A 738 -12.57 26.68 -28.09
C ARG A 738 -12.37 26.85 -29.59
N LYS A 739 -12.52 28.09 -30.08
CA LYS A 739 -12.43 28.35 -31.52
C LYS A 739 -11.02 28.15 -32.07
N GLY A 740 -10.00 28.47 -31.27
CA GLY A 740 -8.62 28.19 -31.68
C GLY A 740 -8.30 26.71 -31.78
N ALA A 741 -8.55 25.97 -30.69
CA ALA A 741 -8.23 24.54 -30.61
C ALA A 741 -8.90 23.69 -31.67
N GLU A 742 -10.15 24.01 -32.03
CA GLU A 742 -10.87 23.23 -33.04
C GLU A 742 -10.23 23.35 -34.42
N LYS A 743 -9.74 24.54 -34.78
CA LYS A 743 -8.99 24.73 -36.02
C LYS A 743 -7.65 23.98 -36.00
N LEU A 744 -6.89 24.14 -34.91
CA LEU A 744 -5.55 23.54 -34.76
C LEU A 744 -5.54 22.03 -34.95
N LEU A 745 -6.45 21.32 -34.25
CA LEU A 745 -6.52 19.86 -34.31
C LEU A 745 -6.83 19.28 -35.69
N SER A 746 -7.51 20.02 -36.55
CA SER A 746 -7.74 19.52 -37.90
C SER A 746 -6.49 19.58 -38.77
N SER A 747 -5.66 20.61 -38.56
CA SER A 747 -4.45 20.81 -39.35
C SER A 747 -3.28 19.87 -39.04
N LEU A 748 -3.21 19.28 -37.84
CA LEU A 748 -2.11 18.34 -37.55
C LEU A 748 -2.02 17.12 -38.45
N ASP A 749 -3.15 16.58 -38.94
CA ASP A 749 -3.25 15.35 -39.77
C ASP A 749 -3.18 14.11 -38.85
N ILE A 750 -3.39 14.33 -37.56
CA ILE A 750 -3.89 13.26 -36.71
C ILE A 750 -5.33 12.92 -37.09
N ASP A 751 -5.74 11.71 -36.72
CA ASP A 751 -7.09 11.20 -36.95
C ASP A 751 -8.13 12.05 -36.20
N HIS A 752 -8.97 12.73 -36.97
CA HIS A 752 -10.02 13.62 -36.47
C HIS A 752 -11.11 12.90 -35.68
N ASN A 753 -11.17 11.57 -35.74
CA ASN A 753 -12.11 10.78 -34.96
C ASN A 753 -11.61 10.48 -33.56
N GLN A 754 -10.31 10.66 -33.30
CA GLN A 754 -9.71 10.33 -32.01
C GLN A 754 -9.92 11.38 -30.94
N TYR A 755 -10.63 12.47 -31.21
CA TYR A 755 -10.87 13.47 -30.18
C TYR A 755 -12.31 13.97 -30.24
N LYS A 756 -12.75 14.56 -29.13
CA LYS A 756 -14.08 15.13 -29.01
C LYS A 756 -13.98 16.45 -28.25
N PHE A 757 -14.96 17.32 -28.47
CA PHE A 757 -14.99 18.64 -27.87
C PHE A 757 -16.10 18.73 -26.83
N GLY A 758 -15.74 19.11 -25.61
CA GLY A 758 -16.69 19.40 -24.57
C GLY A 758 -16.80 20.90 -24.34
N HIS A 759 -17.67 21.26 -23.39
CA HIS A 759 -17.96 22.67 -23.09
C HIS A 759 -16.71 23.45 -22.71
N THR A 760 -15.79 22.85 -21.96
CA THR A 760 -14.53 23.52 -21.71
C THR A 760 -13.29 22.64 -21.83
N LYS A 761 -13.42 21.35 -22.13
CA LYS A 761 -12.27 20.49 -22.33
C LYS A 761 -12.36 19.81 -23.70
N VAL A 762 -11.22 19.62 -24.33
CA VAL A 762 -11.07 18.65 -25.41
C VAL A 762 -10.74 17.29 -24.80
N PHE A 763 -11.30 16.23 -25.36
CA PHE A 763 -11.19 14.87 -24.83
C PHE A 763 -10.49 14.00 -25.84
N PHE A 764 -9.42 13.35 -25.43
CA PHE A 764 -8.59 12.54 -26.32
C PHE A 764 -8.74 11.06 -26.02
N LYS A 765 -8.84 10.26 -27.09
CA LYS A 765 -8.71 8.82 -27.02
C LYS A 765 -7.32 8.42 -26.51
N ALA A 766 -7.20 7.13 -26.18
CA ALA A 766 -6.09 6.55 -25.40
C ALA A 766 -4.70 6.96 -25.89
N GLY A 767 -4.42 6.78 -27.17
CA GLY A 767 -3.08 7.00 -27.68
C GLY A 767 -2.75 8.36 -28.23
N LEU A 768 -3.75 9.24 -28.40
CA LEU A 768 -3.55 10.48 -29.14
C LEU A 768 -2.69 11.49 -28.39
N LEU A 769 -2.78 11.57 -27.06
CA LEU A 769 -1.90 12.46 -26.32
C LEU A 769 -0.44 12.02 -26.43
N GLY A 770 -0.20 10.70 -26.43
CA GLY A 770 1.15 10.18 -26.62
C GLY A 770 1.71 10.50 -27.98
N LEU A 771 0.85 10.54 -28.99
CA LEU A 771 1.25 10.97 -30.33
C LEU A 771 1.53 12.48 -30.37
N LEU A 772 0.64 13.28 -29.80
CA LEU A 772 0.82 14.74 -29.79
C LEU A 772 2.07 15.18 -29.01
N GLU A 773 2.42 14.46 -27.94
CA GLU A 773 3.65 14.77 -27.22
C GLU A 773 4.90 14.44 -28.02
N GLU A 774 4.91 13.30 -28.72
CA GLU A 774 6.01 12.96 -29.61
C GLU A 774 6.13 13.96 -30.76
N MET A 775 4.99 14.36 -31.33
CA MET A 775 4.99 15.43 -32.34
C MET A 775 5.51 16.75 -31.77
N ARG A 776 5.22 17.03 -30.50
CA ARG A 776 5.73 18.24 -29.86
C ARG A 776 7.23 18.18 -29.59
N ASP A 777 7.74 17.01 -29.16
CA ASP A 777 9.16 16.91 -28.85
C ASP A 777 10.04 16.91 -30.09
N GLU A 778 9.61 16.26 -31.17
CA GLU A 778 10.37 16.37 -32.42
C GLU A 778 10.30 17.78 -33.01
N ARG A 779 9.21 18.50 -32.80
CA ARG A 779 9.14 19.88 -33.27
C ARG A 779 9.89 20.84 -32.36
N LEU A 780 9.95 20.57 -31.05
CA LEU A 780 10.90 21.27 -30.20
C LEU A 780 12.35 21.00 -30.60
N SER A 781 12.66 19.75 -30.94
CA SER A 781 14.00 19.40 -31.42
C SER A 781 14.33 20.09 -32.74
N ARG A 782 13.37 20.12 -33.67
CA ARG A 782 13.56 20.82 -34.94
C ARG A 782 13.79 22.32 -34.78
N ILE A 783 13.01 23.01 -33.93
CA ILE A 783 13.17 24.45 -33.80
C ILE A 783 14.48 24.83 -33.12
N ILE A 784 14.87 24.11 -32.04
CA ILE A 784 16.11 24.41 -31.33
C ILE A 784 17.34 24.19 -32.22
N THR A 785 17.35 23.11 -32.99
CA THR A 785 18.44 22.87 -33.93
C THR A 785 18.49 23.95 -35.02
N ARG A 786 17.33 24.48 -35.41
CA ARG A 786 17.34 25.60 -36.34
C ARG A 786 17.66 26.92 -35.65
N ILE A 787 17.38 27.05 -34.35
CA ILE A 787 17.94 28.15 -33.57
C ILE A 787 19.47 28.00 -33.47
N GLN A 788 19.95 26.77 -33.29
CA GLN A 788 21.37 26.49 -33.37
C GLN A 788 21.94 26.74 -34.75
N ALA A 789 21.21 26.34 -35.81
CA ALA A 789 21.62 26.64 -37.18
C ALA A 789 21.75 28.14 -37.42
N GLN A 790 20.81 28.93 -36.91
CA GLN A 790 20.95 30.39 -36.96
C GLN A 790 22.11 30.88 -36.11
N SER A 791 22.40 30.21 -34.99
CA SER A 791 23.57 30.56 -34.19
C SER A 791 24.88 30.25 -34.89
N ARG A 792 24.89 29.33 -35.86
CA ARG A 792 26.01 29.24 -36.80
C ARG A 792 25.87 30.29 -37.90
N GLY A 793 24.64 30.53 -38.37
CA GLY A 793 24.41 31.41 -39.50
C GLY A 793 24.77 32.87 -39.26
N VAL A 794 24.80 33.30 -38.00
CA VAL A 794 25.25 34.65 -37.69
C VAL A 794 26.77 34.79 -37.86
N LEU A 795 27.52 33.71 -37.63
CA LEU A 795 28.99 33.75 -37.59
C LEU A 795 29.63 34.16 -38.92
MG MG B . 4.16 -4.00 3.50
PB ADP C . 4.01 -6.23 0.95
O1B ADP C . 3.35 -6.13 -0.40
O2B ADP C . 4.43 -4.91 1.54
O3B ADP C . 3.26 -7.11 1.90
PA ADP C . 6.86 -6.48 0.49
O1A ADP C . 6.88 -5.26 -0.38
O2A ADP C . 7.55 -6.39 1.82
O3A ADP C . 5.36 -7.04 0.66
O5' ADP C . 7.47 -7.70 -0.33
C5' ADP C . 7.89 -8.85 0.39
C4' ADP C . 9.15 -9.48 -0.19
O4' ADP C . 8.87 -9.94 -1.51
C3' ADP C . 10.35 -8.59 -0.35
O3' ADP C . 11.03 -8.40 0.88
C2' ADP C . 11.14 -9.46 -1.29
O2' ADP C . 11.60 -10.64 -0.61
C1' ADP C . 10.07 -9.85 -2.28
N9 ADP C . 9.88 -8.82 -3.33
C8 ADP C . 8.78 -8.07 -3.48
N7 ADP C . 8.90 -7.23 -4.52
C5 ADP C . 10.12 -7.38 -5.03
C6 ADP C . 10.91 -6.78 -6.13
N6 ADP C . 10.37 -5.80 -6.89
N1 ADP C . 12.15 -7.23 -6.33
C2 ADP C . 12.69 -8.19 -5.56
N3 ADP C . 12.04 -8.78 -4.55
C4 ADP C . 10.78 -8.43 -4.22
P PO4 D . 1.53 -5.96 4.63
O1 PO4 D . 2.68 -4.99 4.60
O2 PO4 D . 2.03 -7.38 4.64
O3 PO4 D . 0.68 -5.71 5.85
O4 PO4 D . 0.69 -5.76 3.40
O01 XB2 E . -4.84 15.30 -15.86
C02 XB2 E . -4.47 15.42 -17.01
N03 XB2 E . -4.82 14.54 -18.01
C04 XB2 E . -5.63 13.34 -17.66
C05 XB2 E . -4.88 12.32 -16.82
C06 XB2 E . -7.02 13.67 -17.10
C07 XB2 E . -4.44 14.72 -19.32
C08 XB2 E . -3.63 15.87 -19.60
C09 XB2 E . -3.28 16.72 -18.63
N10 XB2 E . -2.59 17.87 -18.82
C11 XB2 E . -1.81 18.17 -20.01
C12 XB2 E . -0.52 17.36 -20.05
C13 XB2 E . 0.16 17.01 -18.86
C14 XB2 E . 1.31 16.21 -18.89
C15 XB2 E . 1.78 15.75 -20.12
C16 XB2 E . 1.12 16.09 -21.30
C17 XB2 E . -0.01 16.89 -21.26
C18 XB2 E . -1.58 19.68 -20.11
N19 XB2 E . -3.68 16.45 -17.37
O20 XB2 E . -4.79 13.99 -20.23
#